data_5JOW
#
_entry.id   5JOW
#
_cell.length_a   75.432
_cell.length_b   91.172
_cell.length_c   156.856
_cell.angle_alpha   90.00
_cell.angle_beta   90.00
_cell.angle_gamma   90.00
#
_symmetry.space_group_name_H-M   'P 21 2 21'
#
loop_
_entity.id
_entity.type
_entity.pdbx_description
1 polymer 'Non-reducing end alpha-L-arabinofuranosidase BoGH43A'
2 non-polymer 2-AMINO-2-HYDROXYMETHYL-PROPANE-1,3-DIOL
3 non-polymer 1,2-ETHANEDIOL
4 water water
#
_entity_poly.entity_id   1
_entity_poly.type   'polypeptide(L)'
_entity_poly.pdbx_seq_one_letter_code
;MGSSHHHHHHQGYSNPVIPGFHPDPSVCKAGDDYYLVNSSFQYFPGVPLFHSKDLVHWEQIGNCLTRPSQLDLTNANSGS
GIFAPTIRYNDGVFYMITTNVSGKGNFLVHTTDPRSEWSEPVWLEQGGIDPSLYFEDGKCFMVSNPDGYINLCEIDPMTG
KQLSSSKRIWNGTGGRYAEGPHIYKKDGWYYLLISEGGTELGHKVTIARSRYIDGPYQGNPANPILTHANESGQSSPIQG
TGHADLVEGTDGSWWMVCLAYRIMPGTHHTLGRETYLAPVRWDKDAWPVVNSNGTISLKMDVPTLPQQEMKGRPERIDFK
EGKLSPEWIHLQNPEAKNYIFTKDGKLRLIATPVTLSDWKSPTFVALRQEHFDMEASAPVVLQKAGVNDEAGISVFMEFH
SHYDLFVRQDKDRKRSVGLRYKLGEITHYAKEVSLPTDGEVELVVKSDINYYYFGYKVNGIYHDLGKMNTRYLSTETAGG
FTGVVLGLYITSASKDSKAYADFEYFKYKGKPGENK
;
_entity_poly.pdbx_strand_id   A,B
#
# COMPACT_ATOMS: atom_id res chain seq x y z
N HIS A 9 -16.05 30.90 20.06
CA HIS A 9 -16.24 30.72 18.58
C HIS A 9 -17.38 29.71 18.34
N HIS A 10 -18.18 29.98 17.31
CA HIS A 10 -19.30 29.13 16.90
C HIS A 10 -19.18 28.68 15.43
N GLN A 11 -17.99 28.84 14.84
CA GLN A 11 -17.81 28.60 13.39
C GLN A 11 -16.37 28.19 13.11
N GLY A 12 -16.21 27.09 12.38
CA GLY A 12 -14.92 26.68 11.84
C GLY A 12 -14.12 25.81 12.77
N TYR A 13 -13.52 24.75 12.22
CA TYR A 13 -12.54 23.96 12.96
C TYR A 13 -11.62 23.25 11.99
N SER A 14 -10.52 22.72 12.54
CA SER A 14 -9.58 21.93 11.77
CA SER A 14 -9.56 21.92 11.79
C SER A 14 -9.69 20.44 12.10
N ASN A 15 -9.59 19.62 11.06
CA ASN A 15 -9.52 18.17 11.15
C ASN A 15 -8.07 17.77 10.91
N PRO A 16 -7.62 16.65 11.45
CA PRO A 16 -8.33 15.83 12.43
C PRO A 16 -8.49 16.51 13.78
N VAL A 17 -9.56 16.17 14.48
CA VAL A 17 -9.79 16.71 15.84
C VAL A 17 -8.94 16.02 16.91
N ILE A 18 -8.53 14.78 16.67
CA ILE A 18 -7.52 14.10 17.51
C ILE A 18 -6.44 13.50 16.57
N PRO A 19 -5.33 14.23 16.38
CA PRO A 19 -4.32 13.77 15.43
C PRO A 19 -3.48 12.61 15.93
N GLY A 20 -2.79 11.96 14.99
CA GLY A 20 -1.99 10.78 15.31
C GLY A 20 -2.83 9.55 15.60
N PHE A 21 -2.14 8.49 16.07
CA PHE A 21 -2.70 7.13 16.18
C PHE A 21 -3.91 7.03 17.14
N HIS A 22 -5.10 7.25 16.56
CA HIS A 22 -6.39 7.33 17.28
C HIS A 22 -7.50 6.78 16.39
N PRO A 23 -7.50 5.45 16.16
CA PRO A 23 -8.47 4.88 15.21
C PRO A 23 -9.78 4.50 15.85
N ASP A 24 -10.73 4.12 14.99
CA ASP A 24 -12.00 3.53 15.42
C ASP A 24 -12.67 4.34 16.53
N PRO A 25 -12.88 5.64 16.31
CA PRO A 25 -13.47 6.43 17.39
C PRO A 25 -14.93 6.07 17.66
N SER A 26 -15.29 6.03 18.95
CA SER A 26 -16.68 5.93 19.38
C SER A 26 -16.91 6.99 20.44
N VAL A 27 -18.11 7.56 20.45
CA VAL A 27 -18.41 8.70 21.34
C VAL A 27 -19.77 8.52 21.99
N CYS A 28 -19.91 9.04 23.21
CA CYS A 28 -21.21 9.13 23.86
C CYS A 28 -21.40 10.50 24.48
N LYS A 29 -22.66 10.89 24.61
CA LYS A 29 -23.07 12.12 25.25
C LYS A 29 -23.63 11.76 26.62
N ALA A 30 -23.10 12.42 27.64
CA ALA A 30 -23.61 12.30 29.02
C ALA A 30 -23.86 13.71 29.50
N GLY A 31 -25.11 14.14 29.36
CA GLY A 31 -25.48 15.52 29.64
C GLY A 31 -24.82 16.46 28.66
N ASP A 32 -24.06 17.43 29.18
CA ASP A 32 -23.30 18.38 28.36
C ASP A 32 -21.85 17.93 28.10
N ASP A 33 -21.50 16.72 28.54
CA ASP A 33 -20.15 16.19 28.37
C ASP A 33 -20.14 15.11 27.30
N TYR A 34 -19.07 15.09 26.50
CA TYR A 34 -18.85 14.04 25.50
C TYR A 34 -17.61 13.24 25.89
N TYR A 35 -17.71 11.91 25.78
CA TYR A 35 -16.58 11.02 26.04
C TYR A 35 -16.32 10.16 24.80
N LEU A 36 -15.04 9.96 24.49
CA LEU A 36 -14.63 9.27 23.26
C LEU A 36 -13.51 8.31 23.54
N VAL A 37 -13.57 7.15 22.87
CA VAL A 37 -12.55 6.12 22.98
C VAL A 37 -11.97 5.74 21.60
N ASN A 38 -10.72 5.28 21.58
CA ASN A 38 -10.05 4.74 20.36
C ASN A 38 -9.49 3.33 20.58
N SER A 39 -9.32 2.57 19.49
CA SER A 39 -8.57 1.31 19.55
C SER A 39 -7.08 1.57 19.80
N SER A 40 -6.41 0.61 20.44
CA SER A 40 -5.01 0.74 20.83
C SER A 40 -4.08 -0.44 20.55
N PHE A 41 -4.63 -1.57 20.06
CA PHE A 41 -3.84 -2.69 19.53
C PHE A 41 -2.89 -3.24 20.59
N GLN A 42 -1.58 -3.18 20.35
CA GLN A 42 -0.60 -3.83 21.23
C GLN A 42 -0.14 -2.98 22.41
N TYR A 43 -0.66 -1.76 22.54
CA TYR A 43 -0.14 -0.79 23.50
C TYR A 43 -0.85 -0.80 24.85
N PHE A 44 -0.09 -0.47 25.90
CA PHE A 44 -0.61 -0.45 27.27
C PHE A 44 -0.15 0.83 27.96
N PRO A 45 -1.05 1.56 28.66
CA PRO A 45 -2.47 1.26 28.81
C PRO A 45 -3.25 1.31 27.52
N GLY A 46 -4.39 0.62 27.49
CA GLY A 46 -5.23 0.52 26.33
C GLY A 46 -6.50 1.36 26.39
N VAL A 47 -7.02 1.63 25.19
CA VAL A 47 -8.27 2.36 24.96
C VAL A 47 -8.19 3.78 25.56
N PRO A 48 -7.49 4.69 24.88
CA PRO A 48 -7.42 6.08 25.36
C PRO A 48 -8.84 6.69 25.45
N LEU A 49 -9.02 7.51 26.48
CA LEU A 49 -10.30 8.08 26.85
C LEU A 49 -10.20 9.60 26.88
N PHE A 50 -11.07 10.22 26.09
CA PHE A 50 -11.07 11.66 25.89
C PHE A 50 -12.37 12.29 26.32
N HIS A 51 -12.28 13.58 26.68
CA HIS A 51 -13.43 14.37 27.09
C HIS A 51 -13.48 15.68 26.30
N SER A 52 -14.69 16.12 25.95
CA SER A 52 -14.92 17.39 25.24
C SER A 52 -16.24 18.02 25.65
N LYS A 53 -16.34 19.35 25.50
CA LYS A 53 -17.64 20.06 25.60
C LYS A 53 -18.18 20.48 24.23
N ASP A 54 -17.36 20.37 23.17
CA ASP A 54 -17.76 20.89 21.86
C ASP A 54 -17.54 19.95 20.66
N LEU A 55 -17.05 18.73 20.91
CA LEU A 55 -16.70 17.75 19.87
C LEU A 55 -15.45 18.08 19.02
N VAL A 56 -14.89 19.27 19.20
CA VAL A 56 -13.74 19.75 18.44
C VAL A 56 -12.46 19.62 19.23
N HIS A 57 -12.51 20.05 20.49
CA HIS A 57 -11.34 20.11 21.37
C HIS A 57 -11.46 19.00 22.40
N TRP A 58 -10.46 18.13 22.45
CA TRP A 58 -10.49 16.94 23.28
C TRP A 58 -9.29 16.93 24.26
N GLU A 59 -9.55 16.56 25.51
CA GLU A 59 -8.50 16.34 26.51
CA GLU A 59 -8.51 16.35 26.52
C GLU A 59 -8.46 14.86 26.80
N GLN A 60 -7.25 14.28 26.84
CA GLN A 60 -7.14 12.87 27.23
C GLN A 60 -7.19 12.79 28.76
N ILE A 61 -8.27 12.24 29.29
CA ILE A 61 -8.48 12.17 30.75
C ILE A 61 -7.96 10.88 31.37
N GLY A 62 -7.69 9.87 30.52
CA GLY A 62 -7.21 8.59 31.02
C GLY A 62 -7.20 7.55 29.92
N ASN A 63 -7.30 6.31 30.36
CA ASN A 63 -7.41 5.14 29.49
C ASN A 63 -8.37 4.18 30.18
N CYS A 64 -9.17 3.44 29.43
CA CYS A 64 -10.13 2.51 30.05
C CYS A 64 -9.46 1.27 30.60
N LEU A 65 -8.38 0.81 29.98
CA LEU A 65 -7.72 -0.45 30.37
C LEU A 65 -6.33 -0.12 30.93
N THR A 66 -6.26 -0.02 32.25
CA THR A 66 -5.10 0.47 32.94
C THR A 66 -4.36 -0.57 33.80
N ARG A 67 -4.89 -1.79 33.87
CA ARG A 67 -4.35 -2.83 34.76
C ARG A 67 -4.18 -4.12 33.95
N PRO A 68 -3.13 -4.92 34.23
CA PRO A 68 -2.95 -6.18 33.47
C PRO A 68 -4.14 -7.12 33.55
N SER A 69 -4.86 -7.15 34.67
CA SER A 69 -6.04 -8.01 34.75
C SER A 69 -7.15 -7.66 33.75
N GLN A 70 -7.15 -6.42 33.24
CA GLN A 70 -8.11 -5.99 32.22
C GLN A 70 -7.63 -6.20 30.80
N LEU A 71 -6.36 -6.55 30.61
CA LEU A 71 -5.70 -6.41 29.30
C LEU A 71 -4.44 -7.30 29.19
N ASP A 72 -4.63 -8.54 28.74
CA ASP A 72 -3.55 -9.46 28.44
C ASP A 72 -3.05 -9.23 27.01
N LEU A 73 -1.83 -8.74 26.88
CA LEU A 73 -1.23 -8.42 25.58
C LEU A 73 -0.09 -9.35 25.21
N THR A 74 -0.08 -10.55 25.78
CA THR A 74 0.90 -11.57 25.42
C THR A 74 0.94 -11.74 23.92
N ASN A 75 2.14 -11.59 23.34
CA ASN A 75 2.38 -11.69 21.90
C ASN A 75 1.63 -10.72 20.98
N ALA A 76 1.03 -9.67 21.54
CA ALA A 76 0.32 -8.69 20.72
C ALA A 76 1.27 -7.86 19.87
N ASN A 77 0.80 -7.49 18.69
CA ASN A 77 1.57 -6.64 17.79
C ASN A 77 0.62 -5.68 17.05
N SER A 78 1.09 -4.93 16.04
CA SER A 78 0.25 -3.93 15.34
C SER A 78 -0.97 -4.52 14.61
N GLY A 79 -1.01 -5.85 14.44
CA GLY A 79 -2.16 -6.54 13.85
C GLY A 79 -3.07 -7.26 14.85
N SER A 80 -2.84 -7.07 16.14
CA SER A 80 -3.60 -7.79 17.15
C SER A 80 -3.89 -6.93 18.39
N GLY A 81 -4.05 -7.55 19.58
CA GLY A 81 -4.49 -6.82 20.77
C GLY A 81 -5.91 -6.24 20.67
N ILE A 82 -6.06 -4.99 21.11
CA ILE A 82 -7.37 -4.34 21.25
C ILE A 82 -7.83 -3.70 19.95
N PHE A 83 -8.96 -4.20 19.45
CA PHE A 83 -9.56 -3.70 18.20
C PHE A 83 -10.61 -2.60 18.53
N ALA A 84 -11.53 -2.27 17.61
CA ALA A 84 -12.44 -1.12 17.81
C ALA A 84 -13.21 -1.20 19.13
N PRO A 85 -13.24 -0.10 19.88
CA PRO A 85 -14.05 -0.04 21.09
C PRO A 85 -15.30 0.82 20.88
N THR A 86 -16.33 0.59 21.69
CA THR A 86 -17.53 1.42 21.69
C THR A 86 -17.77 1.86 23.12
N ILE A 87 -18.11 3.14 23.27
CA ILE A 87 -18.47 3.71 24.59
C ILE A 87 -19.92 4.20 24.60
N ARG A 88 -20.64 3.84 25.67
CA ARG A 88 -22.04 4.19 25.85
C ARG A 88 -22.30 4.60 27.29
N TYR A 89 -23.31 5.45 27.47
CA TYR A 89 -23.75 5.92 28.79
C TYR A 89 -25.24 5.66 28.94
N ASN A 90 -25.62 4.99 30.04
CA ASN A 90 -27.01 4.69 30.31
C ASN A 90 -27.28 4.61 31.80
N ASP A 91 -28.27 5.37 32.27
CA ASP A 91 -28.69 5.34 33.68
C ASP A 91 -27.50 5.49 34.65
N GLY A 92 -26.65 6.48 34.39
CA GLY A 92 -25.50 6.77 35.26
C GLY A 92 -24.29 5.87 35.16
N VAL A 93 -24.30 4.91 34.23
CA VAL A 93 -23.19 3.95 34.05
C VAL A 93 -22.58 4.11 32.65
N PHE A 94 -21.25 4.16 32.60
CA PHE A 94 -20.48 4.14 31.36
C PHE A 94 -20.00 2.72 31.08
N TYR A 95 -20.11 2.32 29.82
CA TYR A 95 -19.71 0.99 29.36
C TYR A 95 -18.74 1.17 28.22
N MET A 96 -17.64 0.42 28.24
CA MET A 96 -16.72 0.36 27.09
C MET A 96 -16.61 -1.11 26.69
N ILE A 97 -17.01 -1.39 25.44
CA ILE A 97 -17.11 -2.76 24.92
C ILE A 97 -16.13 -2.89 23.75
N THR A 98 -15.34 -3.96 23.74
CA THR A 98 -14.29 -4.11 22.70
C THR A 98 -13.91 -5.57 22.55
N THR A 99 -12.90 -5.84 21.75
CA THR A 99 -12.39 -7.19 21.51
C THR A 99 -10.88 -7.20 21.76
N ASN A 100 -10.42 -8.16 22.57
CA ASN A 100 -9.00 -8.43 22.70
C ASN A 100 -8.74 -9.66 21.86
N VAL A 101 -8.25 -9.47 20.63
CA VAL A 101 -8.07 -10.61 19.72
C VAL A 101 -6.86 -11.48 20.09
N SER A 102 -5.93 -10.92 20.87
CA SER A 102 -4.83 -11.68 21.47
C SER A 102 -5.27 -12.49 22.68
N GLY A 103 -6.45 -12.21 23.22
CA GLY A 103 -6.93 -12.79 24.46
C GLY A 103 -8.24 -13.49 24.26
N LYS A 104 -9.14 -13.32 25.21
CA LYS A 104 -10.40 -14.10 25.24
C LYS A 104 -11.56 -13.48 24.42
N GLY A 105 -11.31 -12.43 23.61
CA GLY A 105 -12.28 -11.94 22.65
C GLY A 105 -13.11 -10.77 23.18
N ASN A 106 -14.43 -10.86 22.98
CA ASN A 106 -15.32 -9.73 23.33
C ASN A 106 -15.55 -9.59 24.83
N PHE A 107 -15.47 -8.35 25.32
CA PHE A 107 -15.71 -8.03 26.74
C PHE A 107 -16.06 -6.57 26.88
N LEU A 108 -16.60 -6.23 28.04
CA LEU A 108 -16.75 -4.84 28.41
C LEU A 108 -16.18 -4.57 29.80
N VAL A 109 -15.91 -3.30 30.03
CA VAL A 109 -15.69 -2.78 31.37
C VAL A 109 -16.64 -1.59 31.60
N HIS A 110 -16.89 -1.27 32.87
CA HIS A 110 -17.84 -0.22 33.22
C HIS A 110 -17.39 0.59 34.43
N THR A 111 -18.00 1.76 34.57
CA THR A 111 -17.76 2.66 35.71
C THR A 111 -18.87 3.71 35.81
N THR A 112 -19.02 4.28 37.00
CA THR A 112 -19.88 5.45 37.17
C THR A 112 -19.06 6.75 37.07
N ASP A 113 -17.73 6.65 37.01
CA ASP A 113 -16.85 7.83 36.99
C ASP A 113 -15.75 7.58 35.96
N PRO A 114 -15.83 8.24 34.78
CA PRO A 114 -14.83 7.95 33.73
C PRO A 114 -13.35 8.20 34.10
N ARG A 115 -13.11 9.06 35.09
CA ARG A 115 -11.75 9.39 35.55
CA ARG A 115 -11.74 9.38 35.53
C ARG A 115 -11.19 8.36 36.54
N SER A 116 -12.03 7.43 37.01
CA SER A 116 -11.57 6.41 37.97
C SER A 116 -11.03 5.16 37.28
N GLU A 117 -10.58 4.21 38.09
CA GLU A 117 -10.27 2.88 37.61
C GLU A 117 -11.56 2.16 37.23
N TRP A 118 -11.65 1.72 35.98
CA TRP A 118 -12.84 1.02 35.49
C TRP A 118 -12.87 -0.42 36.02
N SER A 119 -14.00 -1.12 35.82
CA SER A 119 -14.19 -2.45 36.37
C SER A 119 -13.24 -3.51 35.76
N GLU A 120 -13.23 -4.67 36.37
CA GLU A 120 -12.68 -5.85 35.72
C GLU A 120 -13.54 -6.24 34.50
N PRO A 121 -12.96 -7.01 33.54
CA PRO A 121 -13.72 -7.40 32.37
C PRO A 121 -14.95 -8.25 32.65
N VAL A 122 -15.98 -7.99 31.85
CA VAL A 122 -17.16 -8.84 31.74
C VAL A 122 -17.07 -9.48 30.36
N TRP A 123 -16.70 -10.77 30.33
CA TRP A 123 -16.56 -11.51 29.05
C TRP A 123 -17.94 -11.84 28.46
N LEU A 124 -18.06 -11.75 27.14
CA LEU A 124 -19.32 -11.86 26.43
C LEU A 124 -19.31 -13.07 25.48
N GLU A 125 -20.50 -13.62 25.22
CA GLU A 125 -20.65 -14.87 24.47
C GLU A 125 -20.59 -14.71 22.95
N GLN A 126 -21.26 -13.68 22.42
CA GLN A 126 -21.35 -13.51 20.96
C GLN A 126 -19.97 -13.16 20.41
N GLY A 127 -19.61 -13.78 19.27
CA GLY A 127 -18.29 -13.62 18.67
C GLY A 127 -18.16 -12.47 17.69
N GLY A 128 -17.26 -12.61 16.73
CA GLY A 128 -16.92 -11.51 15.83
C GLY A 128 -16.14 -10.42 16.55
N ILE A 129 -15.99 -9.29 15.88
CA ILE A 129 -15.30 -8.12 16.42
C ILE A 129 -16.26 -6.92 16.39
N ASP A 130 -15.76 -5.76 16.79
CA ASP A 130 -16.49 -4.49 16.72
C ASP A 130 -17.82 -4.56 17.46
N PRO A 131 -17.77 -5.02 18.71
CA PRO A 131 -19.01 -5.03 19.47
C PRO A 131 -19.49 -3.61 19.83
N SER A 132 -20.80 -3.45 19.95
CA SER A 132 -21.44 -2.19 20.27
C SER A 132 -22.69 -2.45 21.09
N LEU A 133 -23.07 -1.48 21.93
CA LEU A 133 -24.29 -1.57 22.75
C LEU A 133 -25.29 -0.45 22.41
N TYR A 134 -26.57 -0.78 22.54
CA TYR A 134 -27.68 0.14 22.40
C TYR A 134 -28.68 -0.21 23.52
N PHE A 135 -29.21 0.80 24.21
CA PHE A 135 -30.11 0.60 25.37
C PHE A 135 -31.51 1.13 25.09
N GLU A 136 -32.53 0.33 25.44
CA GLU A 136 -33.94 0.77 25.34
C GLU A 136 -34.82 -0.12 26.21
N ASP A 137 -35.85 0.48 26.82
CA ASP A 137 -36.89 -0.30 27.56
C ASP A 137 -36.30 -1.20 28.67
N GLY A 138 -35.25 -0.73 29.33
CA GLY A 138 -34.53 -1.50 30.34
C GLY A 138 -33.71 -2.68 29.82
N LYS A 139 -33.53 -2.75 28.49
CA LYS A 139 -32.81 -3.84 27.83
CA LYS A 139 -32.81 -3.83 27.85
C LYS A 139 -31.48 -3.31 27.29
N CYS A 140 -30.50 -4.20 27.22
CA CYS A 140 -29.19 -3.91 26.66
C CYS A 140 -28.98 -4.79 25.43
N PHE A 141 -28.90 -4.18 24.26
CA PHE A 141 -28.70 -4.90 23.00
C PHE A 141 -27.25 -4.81 22.55
N MET A 142 -26.70 -5.95 22.15
CA MET A 142 -25.33 -6.05 21.65
C MET A 142 -25.36 -6.41 20.18
N VAL A 143 -24.55 -5.71 19.38
CA VAL A 143 -24.23 -6.14 18.02
C VAL A 143 -22.71 -6.39 17.88
N SER A 144 -22.37 -7.29 16.96
CA SER A 144 -20.98 -7.51 16.51
C SER A 144 -21.05 -8.18 15.11
N ASN A 145 -19.92 -8.54 14.50
CA ASN A 145 -19.95 -8.98 13.08
C ASN A 145 -19.47 -10.40 12.72
N PRO A 146 -19.83 -11.42 13.54
CA PRO A 146 -19.31 -12.75 13.22
C PRO A 146 -19.66 -13.25 11.79
N ASP A 147 -18.64 -13.76 11.10
CA ASP A 147 -18.80 -14.33 9.75
C ASP A 147 -19.35 -13.33 8.72
N GLY A 148 -19.10 -12.04 8.96
CA GLY A 148 -19.54 -10.96 8.06
C GLY A 148 -21.00 -10.54 8.17
N TYR A 149 -21.74 -11.12 9.11
CA TYR A 149 -23.12 -10.75 9.35
C TYR A 149 -23.17 -9.96 10.62
N ILE A 150 -23.92 -8.86 10.60
CA ILE A 150 -24.18 -8.15 11.83
C ILE A 150 -25.19 -9.00 12.60
N ASN A 151 -24.80 -9.42 13.81
CA ASN A 151 -25.64 -10.21 14.70
C ASN A 151 -26.09 -9.35 15.89
N LEU A 152 -27.33 -9.57 16.31
CA LEU A 152 -27.96 -8.85 17.42
C LEU A 152 -28.34 -9.85 18.51
N CYS A 153 -28.10 -9.48 19.76
CA CYS A 153 -28.67 -10.20 20.90
C CYS A 153 -28.91 -9.24 22.06
N GLU A 154 -29.55 -9.77 23.10
CA GLU A 154 -29.72 -9.04 24.36
CA GLU A 154 -29.72 -9.04 24.36
C GLU A 154 -28.76 -9.65 25.39
N ILE A 155 -28.15 -8.80 26.21
CA ILE A 155 -27.22 -9.23 27.26
C ILE A 155 -27.56 -8.59 28.61
N ASP A 156 -27.06 -9.21 29.67
CA ASP A 156 -26.97 -8.56 30.97
C ASP A 156 -25.53 -8.03 31.02
N PRO A 157 -25.34 -6.70 30.98
CA PRO A 157 -23.97 -6.18 30.87
C PRO A 157 -23.15 -6.26 32.15
N MET A 158 -23.78 -6.58 33.29
CA MET A 158 -23.04 -6.76 34.53
C MET A 158 -22.56 -8.20 34.73
N THR A 159 -23.39 -9.18 34.36
CA THR A 159 -23.02 -10.60 34.47
C THR A 159 -22.40 -11.18 33.21
N GLY A 160 -22.62 -10.52 32.08
CA GLY A 160 -22.20 -11.03 30.78
C GLY A 160 -23.10 -12.09 30.16
N LYS A 161 -24.20 -12.46 30.82
CA LYS A 161 -25.07 -13.52 30.31
C LYS A 161 -25.79 -13.06 29.05
N GLN A 162 -25.79 -13.89 28.01
CA GLN A 162 -26.59 -13.59 26.81
C GLN A 162 -28.01 -14.04 27.08
N LEU A 163 -28.98 -13.14 26.87
CA LEU A 163 -30.37 -13.35 27.30
C LEU A 163 -31.31 -13.73 26.16
N SER A 164 -30.88 -13.57 24.91
CA SER A 164 -31.63 -14.00 23.74
C SER A 164 -30.68 -14.59 22.72
N SER A 165 -31.21 -15.39 21.80
CA SER A 165 -30.41 -15.97 20.72
CA SER A 165 -30.42 -15.97 20.72
C SER A 165 -29.88 -14.89 19.79
N SER A 166 -28.69 -15.10 19.27
CA SER A 166 -28.10 -14.22 18.28
C SER A 166 -28.89 -14.30 16.99
N LYS A 167 -29.21 -13.15 16.41
CA LYS A 167 -29.96 -13.07 15.14
C LYS A 167 -29.18 -12.29 14.10
N ARG A 168 -29.07 -12.83 12.90
CA ARG A 168 -28.38 -12.12 11.80
CA ARG A 168 -28.38 -12.13 11.79
C ARG A 168 -29.34 -11.06 11.29
N ILE A 169 -28.94 -9.78 11.35
CA ILE A 169 -29.85 -8.68 10.96
C ILE A 169 -29.54 -7.98 9.64
N TRP A 170 -28.29 -7.99 9.23
CA TRP A 170 -27.91 -7.31 7.98
C TRP A 170 -26.52 -7.79 7.62
N ASN A 171 -26.17 -7.72 6.35
CA ASN A 171 -24.78 -7.97 5.97
C ASN A 171 -24.23 -6.88 5.06
N GLY A 172 -24.83 -5.69 5.14
CA GLY A 172 -24.34 -4.51 4.43
C GLY A 172 -24.80 -4.44 3.00
N THR A 173 -24.25 -3.48 2.24
CA THR A 173 -24.63 -3.25 0.86
C THR A 173 -23.93 -4.17 -0.15
N GLY A 174 -22.96 -4.95 0.32
CA GLY A 174 -22.18 -5.83 -0.56
C GLY A 174 -20.70 -5.59 -0.51
N GLY A 175 -20.29 -4.48 0.11
CA GLY A 175 -18.87 -4.15 0.20
C GLY A 175 -18.10 -5.07 1.13
N ARG A 176 -16.78 -5.02 1.03
CA ARG A 176 -15.95 -5.92 1.83
C ARG A 176 -15.91 -5.55 3.32
N TYR A 177 -15.69 -6.56 4.13
CA TYR A 177 -15.39 -6.40 5.56
C TYR A 177 -16.40 -5.56 6.33
N ALA A 178 -17.66 -5.96 6.22
CA ALA A 178 -18.72 -5.28 6.97
C ALA A 178 -18.35 -5.28 8.45
N GLU A 179 -18.25 -4.09 9.05
CA GLU A 179 -17.81 -3.97 10.44
C GLU A 179 -18.29 -2.69 11.08
N GLY A 180 -17.85 -2.44 12.31
CA GLY A 180 -18.29 -1.27 13.07
C GLY A 180 -19.78 -0.99 13.19
N PRO A 181 -20.60 -2.03 13.46
CA PRO A 181 -22.04 -1.77 13.55
C PRO A 181 -22.44 -0.94 14.79
N HIS A 182 -23.35 0.01 14.59
CA HIS A 182 -24.01 0.72 15.70
C HIS A 182 -25.49 0.93 15.36
N ILE A 183 -26.35 0.70 16.36
CA ILE A 183 -27.79 0.96 16.25
C ILE A 183 -28.15 2.28 16.92
N TYR A 184 -29.00 3.06 16.24
CA TYR A 184 -29.60 4.28 16.79
C TYR A 184 -31.10 4.23 16.52
N LYS A 185 -31.89 4.85 17.39
CA LYS A 185 -33.33 4.97 17.14
C LYS A 185 -33.69 6.45 16.97
N LYS A 186 -34.32 6.76 15.84
CA LYS A 186 -34.75 8.14 15.53
C LYS A 186 -36.01 8.09 14.65
N ASP A 187 -36.99 8.90 15.03
CA ASP A 187 -38.22 9.06 14.23
C ASP A 187 -38.95 7.74 14.00
N GLY A 188 -38.91 6.84 15.00
CA GLY A 188 -39.56 5.55 14.91
C GLY A 188 -38.87 4.52 14.02
N TRP A 189 -37.63 4.80 13.64
CA TRP A 189 -36.81 3.88 12.86
C TRP A 189 -35.63 3.42 13.71
N TYR A 190 -35.27 2.14 13.57
CA TYR A 190 -33.96 1.66 13.99
C TYR A 190 -33.00 1.83 12.82
N TYR A 191 -31.98 2.65 13.02
CA TYR A 191 -30.89 2.85 12.04
C TYR A 191 -29.71 1.99 12.42
N LEU A 192 -29.13 1.34 11.42
CA LEU A 192 -27.96 0.48 11.60
C LEU A 192 -26.87 1.07 10.68
N LEU A 193 -25.84 1.61 11.32
CA LEU A 193 -24.70 2.19 10.64
CA LEU A 193 -24.69 2.22 10.66
C LEU A 193 -23.55 1.20 10.70
N ILE A 194 -22.85 1.03 9.58
CA ILE A 194 -21.69 0.15 9.53
C ILE A 194 -20.58 0.77 8.66
N SER A 195 -19.41 0.14 8.74
CA SER A 195 -18.32 0.38 7.77
C SER A 195 -18.22 -0.75 6.80
N GLU A 196 -17.87 -0.40 5.56
CA GLU A 196 -17.54 -1.35 4.49
C GLU A 196 -16.33 -0.84 3.75
N GLY A 197 -15.79 -1.71 2.90
CA GLY A 197 -14.70 -1.34 1.99
C GLY A 197 -13.29 -1.56 2.49
N GLY A 198 -13.16 -1.91 3.77
CA GLY A 198 -11.88 -2.08 4.41
C GLY A 198 -11.37 -0.73 4.88
N THR A 199 -10.43 -0.75 5.82
CA THR A 199 -9.93 0.49 6.42
C THR A 199 -8.76 1.16 5.66
N GLU A 200 -8.66 0.88 4.37
CA GLU A 200 -7.67 1.51 3.49
C GLU A 200 -8.41 2.45 2.52
N LEU A 201 -7.97 2.60 1.26
CA LEU A 201 -8.56 3.64 0.39
C LEU A 201 -10.05 3.46 0.02
N GLY A 202 -10.57 2.24 0.19
CA GLY A 202 -11.97 1.95 -0.15
C GLY A 202 -12.96 2.14 0.99
N HIS A 203 -12.47 2.59 2.15
CA HIS A 203 -13.31 2.76 3.36
C HIS A 203 -14.53 3.61 3.06
N LYS A 204 -15.69 3.15 3.53
CA LYS A 204 -16.94 3.89 3.40
C LYS A 204 -17.87 3.57 4.58
N VAL A 205 -18.78 4.50 4.84
CA VAL A 205 -19.83 4.37 5.84
C VAL A 205 -21.17 4.17 5.10
N THR A 206 -21.87 3.13 5.49
CA THR A 206 -23.19 2.83 4.93
C THR A 206 -24.21 2.73 6.08
N ILE A 207 -25.48 2.91 5.73
CA ILE A 207 -26.55 2.93 6.72
C ILE A 207 -27.82 2.28 6.15
N ALA A 208 -28.56 1.61 7.04
CA ALA A 208 -29.84 1.01 6.72
C ALA A 208 -30.82 1.29 7.86
N ARG A 209 -32.09 0.99 7.63
CA ARG A 209 -33.09 1.17 8.68
C ARG A 209 -34.22 0.15 8.61
N SER A 210 -34.90 -0.01 9.74
CA SER A 210 -36.05 -0.89 9.89
C SER A 210 -36.98 -0.36 10.94
N ARG A 211 -38.27 -0.69 10.85
CA ARG A 211 -39.20 -0.41 11.93
C ARG A 211 -38.99 -1.33 13.13
N TYR A 212 -38.23 -2.42 12.96
CA TYR A 212 -37.98 -3.39 14.01
C TYR A 212 -36.45 -3.54 14.21
N ILE A 213 -36.02 -3.62 15.47
CA ILE A 213 -34.58 -3.69 15.77
C ILE A 213 -33.94 -4.94 15.16
N ASP A 214 -34.74 -6.02 15.07
CA ASP A 214 -34.32 -7.28 14.48
C ASP A 214 -34.64 -7.39 12.99
N GLY A 215 -34.97 -6.29 12.31
CA GLY A 215 -35.04 -6.28 10.85
C GLY A 215 -36.38 -6.73 10.28
N PRO A 216 -36.49 -6.84 8.96
CA PRO A 216 -35.39 -6.68 8.00
C PRO A 216 -35.03 -5.22 7.76
N TYR A 217 -33.76 -5.02 7.41
CA TYR A 217 -33.21 -3.70 7.17
C TYR A 217 -33.14 -3.39 5.68
N GLN A 218 -33.43 -2.14 5.33
CA GLN A 218 -33.34 -1.63 3.96
C GLN A 218 -32.26 -0.56 3.91
N GLY A 219 -31.38 -0.66 2.94
CA GLY A 219 -30.29 0.31 2.83
C GLY A 219 -30.72 1.63 2.25
N ASN A 220 -30.05 2.69 2.70
CA ASN A 220 -30.21 4.03 2.15
C ASN A 220 -29.88 4.01 0.65
N PRO A 221 -30.83 4.45 -0.20
CA PRO A 221 -30.55 4.59 -1.64
C PRO A 221 -29.30 5.43 -1.94
N ALA A 222 -29.02 6.41 -1.08
CA ALA A 222 -27.84 7.26 -1.23
C ALA A 222 -26.52 6.68 -0.66
N ASN A 223 -26.51 5.42 -0.20
CA ASN A 223 -25.25 4.83 0.30
C ASN A 223 -24.13 4.88 -0.75
N PRO A 224 -22.87 5.09 -0.35
CA PRO A 224 -22.44 5.33 1.01
C PRO A 224 -22.65 6.80 1.45
N ILE A 225 -22.86 7.01 2.74
CA ILE A 225 -23.06 8.37 3.26
C ILE A 225 -21.77 9.14 3.54
N LEU A 226 -20.65 8.43 3.63
CA LEU A 226 -19.33 9.06 3.78
C LEU A 226 -18.27 8.17 3.13
N THR A 227 -17.52 8.73 2.17
CA THR A 227 -16.36 8.07 1.60
C THR A 227 -15.53 9.05 0.79
N HIS A 228 -14.19 8.84 0.78
CA HIS A 228 -13.31 9.52 -0.19
C HIS A 228 -12.85 8.57 -1.27
N ALA A 229 -13.45 7.37 -1.34
CA ALA A 229 -13.07 6.38 -2.33
C ALA A 229 -13.48 6.72 -3.77
N ASN A 230 -14.48 7.58 -3.92
CA ASN A 230 -15.04 7.89 -5.24
C ASN A 230 -14.36 9.09 -5.88
N GLU A 231 -14.79 9.48 -7.07
CA GLU A 231 -14.17 10.61 -7.77
C GLU A 231 -14.15 11.86 -6.90
N SER A 232 -15.22 12.09 -6.13
CA SER A 232 -15.33 13.28 -5.30
C SER A 232 -14.27 13.38 -4.21
N GLY A 233 -13.66 12.26 -3.84
CA GLY A 233 -12.62 12.23 -2.83
C GLY A 233 -11.22 11.92 -3.29
N GLN A 234 -11.04 11.65 -4.59
CA GLN A 234 -9.76 11.11 -5.06
C GLN A 234 -8.54 12.04 -4.86
N SER A 235 -8.77 13.35 -4.91
CA SER A 235 -7.69 14.35 -4.77
CA SER A 235 -7.69 14.34 -4.77
C SER A 235 -7.53 14.86 -3.35
N SER A 236 -8.33 14.37 -2.42
CA SER A 236 -8.26 14.83 -1.05
C SER A 236 -6.95 14.40 -0.37
N PRO A 237 -6.39 15.29 0.47
CA PRO A 237 -5.28 14.88 1.36
C PRO A 237 -5.69 13.88 2.46
N ILE A 238 -6.99 13.74 2.68
CA ILE A 238 -7.56 12.77 3.62
C ILE A 238 -8.07 11.58 2.80
N GLN A 239 -7.75 10.36 3.24
CA GLN A 239 -8.26 9.14 2.61
C GLN A 239 -8.76 8.16 3.68
N GLY A 240 -9.48 7.14 3.26
CA GLY A 240 -9.88 6.05 4.14
C GLY A 240 -10.87 6.42 5.23
N THR A 241 -11.84 7.26 4.88
CA THR A 241 -12.85 7.73 5.84
C THR A 241 -13.86 6.64 6.19
N GLY A 242 -14.02 6.35 7.46
CA GLY A 242 -14.96 5.32 7.88
C GLY A 242 -14.94 5.08 9.36
N HIS A 243 -15.57 3.99 9.75
CA HIS A 243 -15.73 3.63 11.16
C HIS A 243 -16.30 4.77 12.01
N ALA A 244 -17.50 5.18 11.64
CA ALA A 244 -18.16 6.34 12.24
C ALA A 244 -19.05 5.98 13.41
N ASP A 245 -19.34 6.99 14.21
CA ASP A 245 -20.33 6.89 15.31
C ASP A 245 -21.05 8.25 15.36
N LEU A 246 -22.38 8.20 15.26
CA LEU A 246 -23.26 9.39 15.31
C LEU A 246 -23.52 9.83 16.75
N VAL A 247 -23.60 11.14 16.93
CA VAL A 247 -23.84 11.74 18.24
C VAL A 247 -24.62 13.05 18.08
N GLU A 248 -25.49 13.33 19.05
CA GLU A 248 -26.29 14.54 19.02
C GLU A 248 -25.55 15.72 19.67
N GLY A 249 -25.69 16.91 19.09
CA GLY A 249 -25.18 18.14 19.68
C GLY A 249 -26.06 18.59 20.83
N THR A 250 -25.52 19.47 21.67
CA THR A 250 -26.27 20.04 22.78
C THR A 250 -27.43 20.94 22.34
N ASP A 251 -27.37 21.41 21.10
CA ASP A 251 -28.38 22.27 20.52
C ASP A 251 -29.34 21.49 19.58
N GLY A 252 -29.29 20.16 19.62
CA GLY A 252 -30.11 19.32 18.72
C GLY A 252 -29.56 19.08 17.32
N SER A 253 -28.39 19.64 17.01
CA SER A 253 -27.70 19.33 15.77
C SER A 253 -27.13 17.90 15.82
N TRP A 254 -26.70 17.38 14.67
CA TRP A 254 -26.12 16.03 14.58
C TRP A 254 -24.70 16.07 14.03
N TRP A 255 -23.90 15.10 14.46
CA TRP A 255 -22.48 15.00 14.18
C TRP A 255 -22.06 13.54 14.07
N MET A 256 -20.93 13.31 13.43
CA MET A 256 -20.26 12.00 13.52
C MET A 256 -18.78 12.18 13.72
N VAL A 257 -18.23 11.30 14.56
CA VAL A 257 -16.78 11.11 14.60
C VAL A 257 -16.47 9.93 13.70
N CYS A 258 -15.30 9.94 13.07
CA CYS A 258 -14.88 8.84 12.20
C CYS A 258 -13.36 8.77 12.16
N LEU A 259 -12.81 7.67 11.64
CA LEU A 259 -11.38 7.62 11.37
C LEU A 259 -11.13 8.01 9.92
N ALA A 260 -9.92 8.46 9.69
CA ALA A 260 -9.36 8.62 8.34
C ALA A 260 -7.85 8.74 8.49
N TYR A 261 -7.14 8.95 7.39
CA TYR A 261 -5.71 9.23 7.45
C TYR A 261 -5.26 10.22 6.40
N ARG A 262 -4.13 10.84 6.68
CA ARG A 262 -3.51 11.81 5.78
C ARG A 262 -2.42 11.16 4.97
N ILE A 263 -2.61 11.18 3.65
CA ILE A 263 -1.71 10.49 2.72
CA ILE A 263 -1.72 10.49 2.70
C ILE A 263 -0.43 11.28 2.48
N MET A 264 0.61 10.54 2.17
CA MET A 264 1.96 11.04 1.92
C MET A 264 2.40 10.51 0.55
N PRO A 265 3.47 11.07 -0.06
CA PRO A 265 3.88 10.65 -1.39
C PRO A 265 4.08 9.13 -1.55
N GLY A 266 3.60 8.60 -2.67
CA GLY A 266 3.59 7.16 -2.90
C GLY A 266 2.44 6.41 -2.23
N THR A 267 1.49 7.14 -1.65
CA THR A 267 0.33 6.57 -0.98
C THR A 267 0.78 5.82 0.27
N HIS A 268 1.28 6.60 1.21
CA HIS A 268 1.71 6.14 2.52
C HIS A 268 1.10 6.95 3.65
N HIS A 269 0.96 6.35 4.82
CA HIS A 269 0.61 7.08 6.02
C HIS A 269 1.32 6.51 7.24
N THR A 270 1.96 7.40 8.00
CA THR A 270 2.73 7.05 9.19
C THR A 270 2.13 7.53 10.52
N LEU A 271 1.15 8.45 10.49
CA LEU A 271 0.53 9.02 11.72
C LEU A 271 -0.66 8.19 12.19
N GLY A 272 -0.82 6.99 11.65
CA GLY A 272 -1.95 6.15 11.98
C GLY A 272 -3.24 6.69 11.40
N ARG A 273 -4.32 6.01 11.75
CA ARG A 273 -5.65 6.48 11.49
C ARG A 273 -6.03 7.37 12.67
N GLU A 274 -6.56 8.55 12.37
CA GLU A 274 -6.76 9.63 13.34
C GLU A 274 -8.25 9.86 13.46
N THR A 275 -8.67 10.67 14.44
CA THR A 275 -10.08 10.93 14.66
C THR A 275 -10.49 12.26 14.03
N TYR A 276 -11.51 12.20 13.17
CA TYR A 276 -12.07 13.31 12.43
C TYR A 276 -13.53 13.56 12.86
N LEU A 277 -13.99 14.78 12.62
CA LEU A 277 -15.35 15.20 12.92
C LEU A 277 -16.05 15.71 11.69
N ALA A 278 -17.33 15.31 11.53
CA ALA A 278 -18.17 15.80 10.45
C ALA A 278 -19.55 16.20 10.92
N PRO A 279 -20.06 17.33 10.42
CA PRO A 279 -21.45 17.67 10.70
C PRO A 279 -22.39 16.80 9.88
N VAL A 280 -23.60 16.58 10.40
CA VAL A 280 -24.61 15.72 9.76
C VAL A 280 -25.95 16.43 9.76
N ARG A 281 -26.59 16.51 8.60
CA ARG A 281 -27.97 16.97 8.49
C ARG A 281 -28.85 15.74 8.71
N TRP A 282 -29.77 15.82 9.67
CA TRP A 282 -30.68 14.71 9.95
C TRP A 282 -32.09 15.21 10.27
N ASP A 283 -32.77 15.66 9.22
CA ASP A 283 -34.13 16.15 9.36
C ASP A 283 -35.10 15.05 9.85
N LYS A 284 -36.22 15.49 10.39
CA LYS A 284 -37.26 14.57 10.86
C LYS A 284 -37.74 13.71 9.70
N ASP A 285 -37.69 12.39 9.88
CA ASP A 285 -38.15 11.38 8.91
C ASP A 285 -37.25 11.27 7.68
N ALA A 286 -36.08 11.90 7.70
CA ALA A 286 -35.11 11.85 6.59
C ALA A 286 -33.94 10.92 6.94
N TRP A 287 -33.24 10.48 5.91
CA TRP A 287 -31.94 9.85 6.08
C TRP A 287 -30.91 10.92 6.45
N PRO A 288 -29.87 10.54 7.22
CA PRO A 288 -28.78 11.49 7.48
C PRO A 288 -27.91 11.72 6.23
N VAL A 289 -27.41 12.95 6.10
CA VAL A 289 -26.49 13.32 5.01
C VAL A 289 -25.26 13.96 5.69
N VAL A 290 -24.08 13.46 5.34
CA VAL A 290 -22.83 13.87 5.99
C VAL A 290 -22.16 15.01 5.23
N ASN A 291 -22.09 16.17 5.87
CA ASN A 291 -21.42 17.35 5.31
C ASN A 291 -21.75 17.58 3.82
N SER A 292 -23.06 17.54 3.49
CA SER A 292 -23.59 17.78 2.13
C SER A 292 -23.28 16.74 1.06
N ASN A 293 -22.03 16.32 0.91
CA ASN A 293 -21.66 15.40 -0.17
C ASN A 293 -20.87 14.16 0.25
N GLY A 294 -20.92 13.83 1.54
CA GLY A 294 -20.25 12.64 2.03
C GLY A 294 -18.74 12.71 1.96
N THR A 295 -18.17 13.92 2.09
CA THR A 295 -16.74 14.12 2.20
C THR A 295 -16.44 15.04 3.39
N ILE A 296 -15.18 15.03 3.81
CA ILE A 296 -14.64 15.91 4.83
C ILE A 296 -13.35 16.58 4.36
N SER A 297 -12.95 17.63 5.08
CA SER A 297 -11.84 18.48 4.72
CA SER A 297 -11.79 18.41 4.72
C SER A 297 -10.98 18.80 5.94
N LEU A 298 -9.73 19.21 5.67
CA LEU A 298 -8.83 19.65 6.75
C LEU A 298 -9.30 20.93 7.43
N LYS A 299 -9.77 21.86 6.62
CA LYS A 299 -10.39 23.09 7.08
C LYS A 299 -11.91 22.97 6.89
N MET A 300 -12.64 22.86 8.01
CA MET A 300 -14.10 22.73 8.01
C MET A 300 -14.76 24.06 8.34
N ASP A 301 -15.25 24.75 7.32
CA ASP A 301 -15.86 26.06 7.48
C ASP A 301 -17.37 25.88 7.71
N VAL A 302 -17.70 25.41 8.91
CA VAL A 302 -19.06 25.05 9.25
C VAL A 302 -19.40 25.52 10.66
N PRO A 303 -20.70 25.72 10.96
CA PRO A 303 -21.09 26.08 12.32
C PRO A 303 -20.81 24.96 13.31
N THR A 304 -20.46 25.33 14.53
CA THR A 304 -20.13 24.36 15.57
C THR A 304 -20.92 24.65 16.84
N LEU A 305 -20.82 23.71 17.77
CA LEU A 305 -21.25 23.96 19.14
C LEU A 305 -20.32 25.05 19.71
N PRO A 306 -20.75 25.77 20.77
CA PRO A 306 -19.88 26.78 21.38
C PRO A 306 -18.55 26.19 21.81
N GLN A 307 -17.45 26.75 21.30
CA GLN A 307 -16.16 26.08 21.45
C GLN A 307 -15.46 26.40 22.78
N GLN A 308 -14.75 25.41 23.30
CA GLN A 308 -14.02 25.50 24.56
C GLN A 308 -12.71 24.75 24.40
N GLU A 309 -11.60 25.48 24.47
CA GLU A 309 -10.27 24.86 24.33
C GLU A 309 -9.95 23.94 25.50
N MET A 310 -9.13 22.92 25.22
CA MET A 310 -8.75 21.94 26.21
C MET A 310 -7.23 21.84 26.30
N LYS A 311 -6.74 21.30 27.42
CA LYS A 311 -5.31 21.04 27.65
C LYS A 311 -4.79 20.06 26.61
N GLY A 312 -3.61 20.36 26.07
CA GLY A 312 -2.91 19.49 25.12
C GLY A 312 -1.54 19.07 25.62
N ARG A 313 -0.78 18.42 24.76
CA ARG A 313 0.55 17.94 25.12
C ARG A 313 1.52 19.10 25.36
N PRO A 314 2.17 19.15 26.55
CA PRO A 314 3.18 20.20 26.77
C PRO A 314 4.36 20.13 25.78
N GLU A 315 4.90 21.28 25.41
CA GLU A 315 6.09 21.33 24.55
C GLU A 315 7.34 20.77 25.26
N ARG A 316 7.36 20.86 26.58
CA ARG A 316 8.43 20.29 27.40
C ARG A 316 7.79 19.53 28.55
N ILE A 317 7.79 18.20 28.46
CA ILE A 317 7.22 17.42 29.56
CA ILE A 317 7.25 17.35 29.52
C ILE A 317 8.36 17.07 30.53
N ASP A 318 8.12 17.38 31.79
CA ASP A 318 9.08 17.05 32.85
C ASP A 318 8.48 15.99 33.75
N PHE A 319 9.32 15.40 34.58
CA PHE A 319 8.94 14.24 35.37
C PHE A 319 8.96 14.56 36.86
N LYS A 320 8.83 15.85 37.18
CA LYS A 320 8.88 16.32 38.56
C LYS A 320 7.65 15.90 39.38
N GLU A 321 6.53 15.58 38.72
CA GLU A 321 5.31 15.10 39.42
C GLU A 321 5.39 13.62 39.80
N GLY A 322 6.39 12.90 39.28
CA GLY A 322 6.58 11.50 39.61
C GLY A 322 5.51 10.60 39.03
N LYS A 323 4.92 11.01 37.92
CA LYS A 323 3.86 10.28 37.22
C LYS A 323 3.91 10.62 35.75
N LEU A 324 3.58 9.66 34.90
CA LEU A 324 3.40 9.91 33.47
C LEU A 324 1.94 10.22 33.20
N SER A 325 1.68 11.15 32.28
CA SER A 325 0.31 11.43 31.84
C SER A 325 -0.29 10.23 31.09
N PRO A 326 -1.62 10.24 30.88
CA PRO A 326 -2.26 9.15 30.13
C PRO A 326 -1.77 8.95 28.70
N GLU A 327 -1.12 9.96 28.12
CA GLU A 327 -0.64 9.86 26.73
C GLU A 327 0.46 8.81 26.53
N TRP A 328 1.23 8.50 27.58
CA TRP A 328 2.37 7.58 27.45
C TRP A 328 1.95 6.12 27.36
N ILE A 329 2.60 5.40 26.45
CA ILE A 329 2.25 3.99 26.16
C ILE A 329 3.48 3.08 26.05
N HIS A 330 3.28 1.84 26.49
CA HIS A 330 4.30 0.78 26.51
C HIS A 330 3.92 -0.29 25.48
N LEU A 331 4.88 -1.15 25.11
CA LEU A 331 4.64 -2.27 24.21
C LEU A 331 4.24 -3.49 25.02
N GLN A 332 3.09 -4.07 24.71
CA GLN A 332 2.55 -5.23 25.45
C GLN A 332 2.41 -4.92 26.95
N ASN A 333 2.48 -5.92 27.83
CA ASN A 333 2.37 -5.67 29.27
C ASN A 333 3.75 -5.31 29.83
N PRO A 334 3.93 -4.06 30.30
CA PRO A 334 5.28 -3.67 30.75
C PRO A 334 5.67 -4.24 32.09
N GLU A 335 6.98 -4.28 32.33
CA GLU A 335 7.52 -4.60 33.66
C GLU A 335 7.57 -3.29 34.45
N ALA A 336 6.54 -3.08 35.28
CA ALA A 336 6.36 -1.80 35.97
C ALA A 336 7.57 -1.36 36.78
N LYS A 337 8.30 -2.31 37.36
CA LYS A 337 9.48 -1.98 38.17
C LYS A 337 10.63 -1.32 37.41
N ASN A 338 10.63 -1.39 36.07
CA ASN A 338 11.70 -0.79 35.27
C ASN A 338 11.46 0.65 34.86
N TYR A 339 10.43 1.29 35.38
CA TYR A 339 10.11 2.68 35.12
C TYR A 339 9.95 3.36 36.50
N ILE A 340 10.92 4.17 36.86
CA ILE A 340 10.87 4.87 38.16
C ILE A 340 11.22 6.34 37.98
N PHE A 341 10.92 7.11 39.02
CA PHE A 341 11.19 8.55 39.04
C PHE A 341 12.19 8.85 40.13
N THR A 342 13.23 9.60 39.78
CA THR A 342 14.33 9.86 40.71
C THR A 342 13.95 10.97 41.66
N LYS A 343 14.74 11.10 42.74
CA LYS A 343 14.57 12.18 43.71
C LYS A 343 14.64 13.57 43.08
N ASP A 344 15.49 13.77 42.07
CA ASP A 344 15.56 15.09 41.39
C ASP A 344 14.63 15.21 40.17
N GLY A 345 13.66 14.30 40.06
CA GLY A 345 12.55 14.45 39.13
C GLY A 345 12.83 14.09 37.70
N LYS A 346 13.70 13.11 37.48
CA LYS A 346 13.95 12.56 36.14
C LYS A 346 13.25 11.21 36.00
N LEU A 347 12.94 10.85 34.76
CA LEU A 347 12.46 9.51 34.46
C LEU A 347 13.68 8.59 34.36
N ARG A 348 13.67 7.50 35.14
CA ARG A 348 14.75 6.51 35.15
C ARG A 348 14.23 5.20 34.55
N LEU A 349 14.86 4.76 33.46
CA LEU A 349 14.54 3.49 32.80
C LEU A 349 15.61 2.47 33.16
N ILE A 350 15.18 1.29 33.64
CA ILE A 350 16.09 0.22 33.99
C ILE A 350 16.27 -0.74 32.83
N ALA A 351 17.52 -1.02 32.46
CA ALA A 351 17.81 -1.85 31.31
C ALA A 351 17.37 -3.30 31.53
N THR A 352 16.95 -3.92 30.42
CA THR A 352 16.80 -5.36 30.31
C THR A 352 17.44 -5.76 28.97
N PRO A 353 17.73 -7.05 28.78
CA PRO A 353 18.28 -7.46 27.48
C PRO A 353 17.30 -7.51 26.29
N VAL A 354 16.03 -7.18 26.52
CA VAL A 354 15.01 -7.20 25.48
C VAL A 354 15.25 -6.00 24.54
N THR A 355 15.47 -6.30 23.26
CA THR A 355 15.67 -5.26 22.25
C THR A 355 14.30 -4.80 21.74
N LEU A 356 14.30 -3.78 20.88
CA LEU A 356 13.08 -3.35 20.25
C LEU A 356 12.58 -4.27 19.09
N SER A 357 13.34 -5.33 18.77
CA SER A 357 13.00 -6.27 17.70
C SER A 357 12.72 -7.69 18.21
N ASP A 358 12.45 -7.84 19.51
CA ASP A 358 12.26 -9.16 20.11
C ASP A 358 10.81 -9.65 20.21
N TRP A 359 9.83 -8.79 19.86
CA TRP A 359 8.41 -9.16 19.92
C TRP A 359 7.91 -9.40 21.36
N LYS A 360 8.58 -8.75 22.31
CA LYS A 360 8.24 -8.80 23.73
C LYS A 360 8.35 -7.36 24.27
N SER A 361 7.91 -7.14 25.51
CA SER A 361 7.97 -5.77 26.07
C SER A 361 9.40 -5.39 26.44
N PRO A 362 10.00 -4.38 25.74
CA PRO A 362 11.27 -3.83 26.20
C PRO A 362 11.03 -2.81 27.28
N THR A 363 12.11 -2.29 27.88
CA THR A 363 12.00 -1.07 28.66
C THR A 363 11.87 0.07 27.65
N PHE A 364 10.64 0.53 27.48
CA PHE A 364 10.25 1.39 26.37
C PHE A 364 8.94 2.08 26.74
N VAL A 365 8.92 3.41 26.63
CA VAL A 365 7.70 4.15 26.89
C VAL A 365 7.63 5.31 25.91
N ALA A 366 6.47 5.52 25.28
CA ALA A 366 6.37 6.36 24.07
C ALA A 366 5.16 7.29 24.02
N LEU A 367 5.29 8.31 23.17
CA LEU A 367 4.22 9.20 22.79
C LEU A 367 3.93 9.07 21.29
N ARG A 368 2.65 9.13 20.93
CA ARG A 368 2.26 9.05 19.53
C ARG A 368 2.78 10.27 18.78
N GLN A 369 3.31 10.06 17.59
CA GLN A 369 3.62 11.19 16.70
C GLN A 369 2.32 11.75 16.14
N GLU A 370 2.12 13.05 16.26
CA GLU A 370 0.82 13.68 15.96
C GLU A 370 0.88 14.74 14.89
N HIS A 371 2.07 14.94 14.29
CA HIS A 371 2.28 15.93 13.20
C HIS A 371 3.29 15.38 12.21
N PHE A 372 3.12 15.72 10.94
CA PHE A 372 4.15 15.43 9.94
C PHE A 372 5.44 16.20 10.21
N ASP A 373 5.29 17.48 10.53
CA ASP A 373 6.40 18.37 10.83
C ASP A 373 6.50 18.53 12.36
N MET A 374 7.55 17.96 12.95
CA MET A 374 7.75 18.05 14.40
C MET A 374 9.24 17.94 14.74
N GLU A 375 9.58 18.33 15.96
CA GLU A 375 10.88 18.08 16.56
C GLU A 375 10.65 17.51 17.94
N ALA A 376 11.36 16.42 18.25
CA ALA A 376 11.33 15.81 19.57
C ALA A 376 12.76 15.66 20.06
N SER A 377 12.94 15.81 21.37
CA SER A 377 14.28 15.62 21.94
C SER A 377 14.25 15.26 23.41
N ALA A 378 15.33 14.62 23.86
CA ALA A 378 15.49 14.28 25.26
C ALA A 378 16.97 14.16 25.61
N PRO A 379 17.38 14.67 26.80
CA PRO A 379 18.70 14.36 27.30
C PRO A 379 18.71 12.94 27.84
N VAL A 380 19.85 12.26 27.68
CA VAL A 380 20.01 10.85 28.06
CA VAL A 380 19.99 10.87 28.11
C VAL A 380 21.30 10.70 28.87
N VAL A 381 21.18 10.25 30.11
CA VAL A 381 22.34 10.01 30.98
C VAL A 381 22.39 8.53 31.29
N LEU A 382 23.24 7.81 30.55
CA LEU A 382 23.36 6.35 30.69
C LEU A 382 24.38 6.05 31.79
N GLN A 383 24.01 5.16 32.72
CA GLN A 383 24.78 4.91 33.93
C GLN A 383 24.95 3.41 34.22
N LYS A 384 26.08 3.06 34.83
CA LYS A 384 26.39 1.69 35.24
C LYS A 384 26.28 0.71 34.08
N ALA A 385 26.80 1.13 32.93
CA ALA A 385 26.64 0.43 31.67
C ALA A 385 27.83 -0.47 31.38
N GLY A 386 27.54 -1.69 30.90
CA GLY A 386 28.54 -2.54 30.27
C GLY A 386 28.63 -2.29 28.78
N VAL A 387 29.64 -2.89 28.16
CA VAL A 387 29.89 -2.69 26.72
C VAL A 387 28.66 -3.11 25.89
N ASN A 388 28.27 -2.22 24.98
CA ASN A 388 27.14 -2.35 24.06
C ASN A 388 25.74 -2.10 24.63
N ASP A 389 25.65 -1.80 25.93
CA ASP A 389 24.41 -1.27 26.49
C ASP A 389 24.11 0.06 25.81
N GLU A 390 22.82 0.35 25.56
CA GLU A 390 22.40 1.54 24.83
C GLU A 390 21.07 2.10 25.36
N ALA A 391 20.89 3.41 25.23
CA ALA A 391 19.64 4.06 25.58
C ALA A 391 19.38 5.25 24.67
N GLY A 392 18.11 5.51 24.36
CA GLY A 392 17.79 6.63 23.48
C GLY A 392 16.35 6.74 23.09
N ILE A 393 16.15 7.18 21.84
CA ILE A 393 14.83 7.44 21.28
C ILE A 393 14.66 6.58 20.05
N SER A 394 13.50 5.93 19.94
CA SER A 394 13.15 5.12 18.78
C SER A 394 11.92 5.70 18.09
N VAL A 395 12.03 5.83 16.77
CA VAL A 395 10.88 6.11 15.91
C VAL A 395 10.34 4.73 15.51
N PHE A 396 9.24 4.33 16.14
CA PHE A 396 8.80 2.93 16.17
C PHE A 396 7.43 2.71 15.53
N MET A 397 7.37 1.83 14.53
CA MET A 397 6.06 1.34 13.98
C MET A 397 5.75 -0.09 14.43
N GLU A 398 6.72 -0.99 14.26
CA GLU A 398 6.55 -2.42 14.59
C GLU A 398 7.91 -3.01 14.97
N PHE A 399 7.91 -4.20 15.58
CA PHE A 399 9.14 -4.84 16.03
C PHE A 399 10.16 -5.03 14.89
N HIS A 400 9.67 -5.15 13.64
CA HIS A 400 10.52 -5.26 12.45
C HIS A 400 10.73 -3.96 11.67
N SER A 401 10.24 -2.84 12.22
CA SER A 401 10.19 -1.54 11.50
C SER A 401 10.34 -0.39 12.50
N HIS A 402 11.59 0.04 12.72
CA HIS A 402 11.90 1.15 13.63
C HIS A 402 13.27 1.74 13.38
N TYR A 403 13.41 3.04 13.66
CA TYR A 403 14.68 3.77 13.54
C TYR A 403 15.11 4.18 14.96
N ASP A 404 16.33 3.78 15.35
CA ASP A 404 16.82 3.93 16.72
C ASP A 404 17.99 4.90 16.79
N LEU A 405 17.88 5.91 17.66
CA LEU A 405 18.94 6.89 17.91
C LEU A 405 19.35 6.77 19.38
N PHE A 406 20.63 6.55 19.64
CA PHE A 406 21.02 6.16 20.99
C PHE A 406 22.44 6.54 21.39
N VAL A 407 22.66 6.60 22.70
CA VAL A 407 24.01 6.61 23.28
C VAL A 407 24.36 5.17 23.64
N ARG A 408 25.57 4.77 23.29
CA ARG A 408 26.08 3.43 23.53
C ARG A 408 27.37 3.46 24.32
N GLN A 409 27.47 2.57 25.31
CA GLN A 409 28.71 2.32 26.05
C GLN A 409 29.63 1.43 25.22
N ASP A 410 30.86 1.89 24.99
CA ASP A 410 31.87 1.10 24.29
C ASP A 410 32.95 0.62 25.24
N LYS A 411 33.85 -0.21 24.73
CA LYS A 411 35.01 -0.69 25.50
C LYS A 411 35.90 0.47 25.92
N ASP A 412 36.73 0.21 26.93
CA ASP A 412 37.76 1.18 27.39
C ASP A 412 37.17 2.51 27.88
N ARG A 413 35.97 2.47 28.47
CA ARG A 413 35.34 3.64 29.03
C ARG A 413 35.09 4.76 27.98
N LYS A 414 34.85 4.36 26.73
CA LYS A 414 34.45 5.28 25.65
C LYS A 414 32.96 5.14 25.44
N ARG A 415 32.36 6.18 24.83
CA ARG A 415 30.95 6.15 24.44
CA ARG A 415 30.95 6.15 24.45
C ARG A 415 30.76 6.70 23.04
N SER A 416 29.67 6.28 22.39
CA SER A 416 29.35 6.77 21.06
C SER A 416 27.86 7.04 20.90
N VAL A 417 27.53 7.82 19.86
CA VAL A 417 26.15 8.00 19.40
CA VAL A 417 26.15 7.98 19.41
C VAL A 417 25.96 7.14 18.16
N GLY A 418 24.90 6.33 18.17
CA GLY A 418 24.57 5.48 17.03
C GLY A 418 23.20 5.75 16.46
N LEU A 419 23.06 5.42 15.18
CA LEU A 419 21.82 5.55 14.43
C LEU A 419 21.64 4.28 13.63
N ARG A 420 20.56 3.54 13.93
CA ARG A 420 20.35 2.19 13.39
C ARG A 420 18.93 2.05 12.85
N TYR A 421 18.80 1.58 11.61
CA TYR A 421 17.48 1.35 11.00
C TYR A 421 17.21 -0.14 10.95
N LYS A 422 16.10 -0.56 11.57
CA LYS A 422 15.62 -1.94 11.50
C LYS A 422 14.47 -2.01 10.49
N LEU A 423 14.69 -2.73 9.40
CA LEU A 423 13.68 -2.92 8.35
C LEU A 423 13.76 -4.37 7.90
N GLY A 424 12.99 -5.24 8.56
CA GLY A 424 12.99 -6.65 8.23
C GLY A 424 14.38 -7.24 8.44
N GLU A 425 14.93 -7.87 7.40
CA GLU A 425 16.26 -8.47 7.48
C GLU A 425 17.41 -7.46 7.48
N ILE A 426 17.13 -6.18 7.24
CA ILE A 426 18.15 -5.14 7.38
C ILE A 426 18.22 -4.58 8.81
N THR A 427 19.43 -4.61 9.39
CA THR A 427 19.75 -3.77 10.54
CA THR A 427 19.79 -3.81 10.56
C THR A 427 20.96 -2.93 10.11
N HIS A 428 20.68 -1.65 9.79
CA HIS A 428 21.63 -0.77 9.13
C HIS A 428 22.14 0.28 10.08
N TYR A 429 23.43 0.24 10.36
CA TYR A 429 24.09 1.29 11.15
C TYR A 429 24.46 2.44 10.24
N ALA A 430 23.62 3.48 10.26
CA ALA A 430 23.83 4.68 9.43
C ALA A 430 25.00 5.50 9.95
N LYS A 431 25.15 5.57 11.26
CA LYS A 431 26.19 6.39 11.91
C LYS A 431 26.60 5.76 13.22
N GLU A 432 27.90 5.84 13.50
CA GLU A 432 28.47 5.49 14.80
C GLU A 432 29.55 6.53 15.04
N VAL A 433 29.28 7.46 15.96
CA VAL A 433 30.16 8.61 16.17
C VAL A 433 30.69 8.67 17.61
N SER A 434 32.01 8.78 17.76
CA SER A 434 32.64 8.95 19.06
C SER A 434 32.17 10.22 19.78
N LEU A 435 31.83 10.07 21.06
CA LEU A 435 31.46 11.19 21.91
C LEU A 435 32.63 11.67 22.77
N PRO A 436 32.63 12.97 23.16
CA PRO A 436 33.61 13.47 24.15
C PRO A 436 33.40 12.76 25.51
N THR A 437 34.45 12.67 26.33
CA THR A 437 34.35 11.92 27.59
CA THR A 437 34.35 11.93 27.59
C THR A 437 33.30 12.55 28.52
N ASP A 438 33.24 13.88 28.55
CA ASP A 438 32.29 14.59 29.40
C ASP A 438 31.30 15.36 28.53
N GLY A 439 30.13 15.60 29.11
CA GLY A 439 29.08 16.38 28.49
C GLY A 439 27.82 15.57 28.40
N GLU A 440 26.71 16.13 28.87
CA GLU A 440 25.39 15.52 28.73
C GLU A 440 24.92 15.60 27.27
N VAL A 441 24.39 14.49 26.76
CA VAL A 441 23.95 14.39 25.37
C VAL A 441 22.44 14.55 25.28
N GLU A 442 22.00 15.46 24.41
CA GLU A 442 20.59 15.55 24.01
C GLU A 442 20.42 14.93 22.61
N LEU A 443 19.53 13.94 22.50
CA LEU A 443 19.19 13.29 21.24
C LEU A 443 18.00 14.00 20.61
N VAL A 444 18.06 14.21 19.29
CA VAL A 444 17.09 15.00 18.57
C VAL A 444 16.56 14.23 17.34
N VAL A 445 15.24 14.15 17.22
CA VAL A 445 14.55 13.62 16.04
C VAL A 445 13.63 14.69 15.48
N LYS A 446 13.79 14.99 14.20
CA LYS A 446 12.90 15.91 13.50
C LYS A 446 12.25 15.15 12.35
N SER A 447 11.15 15.70 11.82
CA SER A 447 10.52 15.13 10.64
C SER A 447 9.83 16.18 9.78
N ASP A 448 9.78 15.87 8.48
CA ASP A 448 8.76 16.41 7.61
C ASP A 448 8.08 15.23 6.90
N ILE A 449 7.19 15.52 5.94
CA ILE A 449 6.43 14.43 5.30
C ILE A 449 7.32 13.41 4.56
N ASN A 450 8.50 13.83 4.13
CA ASN A 450 9.40 12.99 3.35
C ASN A 450 10.46 12.24 4.18
N TYR A 451 11.02 12.89 5.21
CA TYR A 451 12.17 12.34 5.97
C TYR A 451 12.07 12.53 7.47
N TYR A 452 12.63 11.57 8.21
CA TYR A 452 13.10 11.80 9.56
C TYR A 452 14.54 12.30 9.49
N TYR A 453 14.86 13.25 10.36
CA TYR A 453 16.20 13.83 10.49
C TYR A 453 16.67 13.57 11.91
N PHE A 454 17.92 13.15 12.05
CA PHE A 454 18.47 12.77 13.35
C PHE A 454 19.70 13.61 13.68
N GLY A 455 19.87 13.88 14.97
CA GLY A 455 21.01 14.65 15.44
C GLY A 455 21.22 14.52 16.93
N TYR A 456 22.27 15.17 17.41
CA TYR A 456 22.51 15.24 18.85
C TYR A 456 23.24 16.52 19.19
N LYS A 457 23.08 16.93 20.44
CA LYS A 457 23.73 18.12 20.96
C LYS A 457 24.51 17.76 22.22
N VAL A 458 25.77 18.16 22.26
CA VAL A 458 26.63 17.96 23.43
C VAL A 458 27.66 19.09 23.49
N ASN A 459 27.95 19.55 24.71
CA ASN A 459 28.87 20.68 24.90
C ASN A 459 28.55 21.90 24.01
N GLY A 460 27.25 22.18 23.84
CA GLY A 460 26.79 23.31 23.16
C GLY A 460 26.77 23.28 21.64
N ILE A 461 27.10 22.11 21.07
CA ILE A 461 27.21 21.94 19.63
C ILE A 461 26.21 20.91 19.14
N TYR A 462 25.36 21.32 18.19
CA TYR A 462 24.43 20.42 17.50
C TYR A 462 25.10 19.80 16.28
N HIS A 463 24.96 18.49 16.15
CA HIS A 463 25.52 17.70 15.06
C HIS A 463 24.41 16.97 14.33
N ASP A 464 24.36 17.14 13.00
CA ASP A 464 23.46 16.40 12.12
CA ASP A 464 23.42 16.39 12.16
C ASP A 464 24.02 14.98 11.90
N LEU A 465 23.17 13.98 12.03
CA LEU A 465 23.53 12.57 11.77
C LEU A 465 22.96 11.99 10.48
N GLY A 466 22.12 12.74 9.76
CA GLY A 466 21.56 12.30 8.50
C GLY A 466 20.06 12.12 8.54
N LYS A 467 19.51 11.63 7.43
CA LYS A 467 18.07 11.54 7.23
C LYS A 467 17.66 10.19 6.63
N MET A 468 16.40 9.82 6.86
CA MET A 468 15.85 8.57 6.37
C MET A 468 14.38 8.73 5.95
N ASN A 469 14.01 8.04 4.87
CA ASN A 469 12.64 8.17 4.30
C ASN A 469 11.55 7.79 5.31
N THR A 470 10.46 8.55 5.32
CA THR A 470 9.31 8.19 6.17
C THR A 470 8.57 6.92 5.71
N ARG A 471 8.56 6.62 4.40
CA ARG A 471 7.67 5.59 3.84
CA ARG A 471 7.65 5.60 3.88
C ARG A 471 7.92 4.19 4.41
N TYR A 472 9.15 3.89 4.80
CA TYR A 472 9.46 2.54 5.27
C TYR A 472 8.82 2.22 6.63
N LEU A 473 8.34 3.23 7.34
CA LEU A 473 7.60 3.05 8.62
C LEU A 473 6.06 3.18 8.47
N SER A 474 5.57 3.31 7.23
CA SER A 474 4.13 3.50 6.99
C SER A 474 3.37 2.21 7.26
N THR A 475 2.06 2.34 7.47
CA THR A 475 1.20 1.17 7.54
C THR A 475 1.21 0.36 6.23
N GLU A 476 1.27 1.04 5.10
CA GLU A 476 1.29 0.37 3.81
C GLU A 476 2.53 -0.51 3.64
N THR A 477 3.67 -0.02 4.14
CA THR A 477 4.91 -0.79 4.07
C THR A 477 4.99 -1.88 5.13
N ALA A 478 4.84 -1.47 6.38
CA ALA A 478 5.05 -2.31 7.55
C ALA A 478 3.92 -3.23 7.93
N GLY A 479 2.71 -2.90 7.48
CA GLY A 479 1.49 -3.62 7.84
C GLY A 479 0.87 -3.13 9.13
N GLY A 480 -0.26 -3.72 9.49
CA GLY A 480 -0.88 -3.48 10.81
C GLY A 480 -1.90 -2.34 10.85
N PHE A 481 -2.24 -1.95 12.07
CA PHE A 481 -3.39 -1.07 12.33
C PHE A 481 -3.05 0.20 13.14
N THR A 482 -1.77 0.56 13.19
CA THR A 482 -1.28 1.56 14.13
C THR A 482 -0.55 2.70 13.42
N GLY A 483 0.01 3.61 14.21
CA GLY A 483 0.83 4.71 13.72
C GLY A 483 2.18 4.73 14.41
N VAL A 484 3.07 5.59 13.94
CA VAL A 484 4.39 5.76 14.55
C VAL A 484 4.29 6.37 15.96
N VAL A 485 5.10 5.81 16.87
CA VAL A 485 5.26 6.34 18.22
C VAL A 485 6.73 6.67 18.43
N LEU A 486 6.98 7.59 19.36
CA LEU A 486 8.33 8.07 19.65
C LEU A 486 8.62 7.63 21.07
N GLY A 487 9.52 6.66 21.21
CA GLY A 487 9.74 5.96 22.48
C GLY A 487 11.12 6.20 23.09
N LEU A 488 11.15 6.40 24.40
CA LEU A 488 12.38 6.42 25.18
C LEU A 488 12.62 4.99 25.59
N TYR A 489 13.87 4.52 25.47
CA TYR A 489 14.14 3.09 25.70
C TYR A 489 15.55 2.84 26.19
N ILE A 490 15.76 1.64 26.75
CA ILE A 490 17.10 1.20 27.15
C ILE A 490 17.18 -0.32 27.02
N THR A 491 18.29 -0.80 26.45
CA THR A 491 18.54 -2.23 26.27
CA THR A 491 18.54 -2.23 26.30
C THR A 491 19.99 -2.55 26.68
N SER A 492 20.17 -3.58 27.51
CA SER A 492 21.48 -4.04 27.90
C SER A 492 21.91 -5.18 26.97
N ALA A 493 23.23 -5.33 26.78
CA ALA A 493 23.79 -6.37 25.93
C ALA A 493 24.28 -7.58 26.72
N SER A 494 24.22 -7.49 28.06
CA SER A 494 24.43 -8.63 28.95
C SER A 494 23.23 -8.77 29.89
N LYS A 495 23.09 -9.94 30.52
CA LYS A 495 22.13 -10.16 31.60
C LYS A 495 22.68 -9.59 32.91
N ASP A 496 23.98 -9.82 33.13
CA ASP A 496 24.77 -9.24 34.24
C ASP A 496 24.73 -7.71 34.42
N SER A 497 24.36 -6.98 33.36
CA SER A 497 24.29 -5.52 33.38
C SER A 497 23.34 -4.95 34.44
N LYS A 498 23.77 -3.87 35.08
CA LYS A 498 22.98 -3.09 36.03
C LYS A 498 22.63 -1.72 35.46
N ALA A 499 22.65 -1.59 34.13
CA ALA A 499 22.54 -0.29 33.51
C ALA A 499 21.18 0.35 33.70
N TYR A 500 21.17 1.68 33.72
CA TYR A 500 19.95 2.47 33.73
C TYR A 500 20.22 3.81 33.04
N ALA A 501 19.16 4.52 32.64
CA ALA A 501 19.31 5.82 32.01
C ALA A 501 18.29 6.80 32.55
N ASP A 502 18.75 8.02 32.81
CA ASP A 502 17.91 9.10 33.27
C ASP A 502 17.61 10.10 32.17
N PHE A 503 16.32 10.45 32.07
CA PHE A 503 15.80 11.38 31.07
C PHE A 503 15.11 12.51 31.83
N GLU A 504 15.68 13.70 31.76
CA GLU A 504 15.23 14.84 32.56
C GLU A 504 13.95 15.46 32.02
N TYR A 505 13.77 15.40 30.70
CA TYR A 505 12.55 15.88 30.07
C TYR A 505 12.37 15.20 28.72
N PHE A 506 11.18 15.37 28.15
CA PHE A 506 10.90 15.01 26.75
C PHE A 506 10.27 16.21 26.10
N LYS A 507 10.91 16.72 25.04
CA LYS A 507 10.39 17.86 24.28
C LYS A 507 9.69 17.36 23.03
N TYR A 508 8.52 17.93 22.73
CA TYR A 508 7.81 17.64 21.48
C TYR A 508 7.11 18.90 21.03
N LYS A 509 7.43 19.37 19.82
CA LYS A 509 6.70 20.49 19.23
C LYS A 509 6.29 20.17 17.81
N GLY A 510 4.98 20.24 17.55
CA GLY A 510 4.44 20.01 16.21
C GLY A 510 4.13 21.32 15.51
N LYS A 511 4.29 21.37 14.19
CA LYS A 511 3.83 22.54 13.43
C LYS A 511 2.37 22.27 13.03
N PRO A 512 1.43 23.19 13.33
CA PRO A 512 -0.02 22.99 13.19
C PRO A 512 -0.50 22.17 11.98
N HIS B 9 -8.09 -30.50 -26.14
CA HIS B 9 -8.30 -29.87 -24.80
C HIS B 9 -9.11 -28.57 -24.95
N HIS B 10 -10.30 -28.56 -24.36
CA HIS B 10 -11.17 -27.38 -24.37
C HIS B 10 -11.97 -27.20 -23.06
N GLN B 11 -11.37 -27.58 -21.93
CA GLN B 11 -11.94 -27.35 -20.58
C GLN B 11 -10.81 -27.01 -19.61
N GLY B 12 -10.91 -25.85 -18.97
CA GLY B 12 -10.02 -25.49 -17.89
C GLY B 12 -8.79 -24.73 -18.33
N TYR B 13 -8.43 -23.71 -17.56
CA TYR B 13 -7.14 -23.06 -17.69
C TYR B 13 -6.74 -22.43 -16.37
N SER B 14 -5.46 -22.03 -16.32
CA SER B 14 -4.89 -21.31 -15.19
C SER B 14 -4.72 -19.83 -15.50
N ASN B 15 -5.08 -19.00 -14.52
CA ASN B 15 -4.81 -17.57 -14.52
C ASN B 15 -3.61 -17.30 -13.59
N PRO B 16 -2.82 -16.28 -13.86
CA PRO B 16 -2.90 -15.41 -15.05
C PRO B 16 -2.45 -16.12 -16.32
N VAL B 17 -2.97 -15.69 -17.45
CA VAL B 17 -2.58 -16.26 -18.74
C VAL B 17 -1.26 -15.67 -19.29
N ILE B 18 -0.89 -14.46 -18.84
CA ILE B 18 0.45 -13.92 -19.07
C ILE B 18 0.99 -13.40 -17.72
N PRO B 19 1.82 -14.21 -17.04
CA PRO B 19 2.24 -13.82 -15.69
C PRO B 19 3.34 -12.75 -15.69
N GLY B 20 3.59 -12.17 -14.52
CA GLY B 20 4.54 -11.06 -14.41
C GLY B 20 4.03 -9.75 -15.01
N PHE B 21 4.93 -8.79 -15.11
CA PHE B 21 4.65 -7.39 -15.45
C PHE B 21 4.08 -7.23 -16.87
N HIS B 22 2.75 -7.31 -16.97
CA HIS B 22 1.98 -7.29 -18.23
C HIS B 22 0.64 -6.61 -18.00
N PRO B 23 0.67 -5.29 -17.73
CA PRO B 23 -0.58 -4.59 -17.35
C PRO B 23 -1.37 -4.13 -18.57
N ASP B 24 -2.57 -3.60 -18.30
CA ASP B 24 -3.38 -2.92 -19.31
C ASP B 24 -3.52 -3.68 -20.62
N PRO B 25 -3.94 -4.96 -20.54
CA PRO B 25 -4.02 -5.74 -21.78
C PRO B 25 -5.13 -5.25 -22.70
N SER B 26 -4.82 -5.22 -24.00
CA SER B 26 -5.83 -5.01 -25.04
C SER B 26 -5.60 -6.07 -26.09
N VAL B 27 -6.68 -6.53 -26.71
CA VAL B 27 -6.66 -7.65 -27.63
C VAL B 27 -7.52 -7.36 -28.85
N CYS B 28 -7.12 -7.91 -30.01
CA CYS B 28 -7.95 -7.88 -31.20
C CYS B 28 -7.95 -9.24 -31.88
N LYS B 29 -9.04 -9.49 -32.61
CA LYS B 29 -9.23 -10.70 -33.39
C LYS B 29 -8.98 -10.39 -34.88
N ALA B 30 -8.11 -11.16 -35.52
CA ALA B 30 -7.90 -11.09 -36.96
C ALA B 30 -8.04 -12.49 -37.52
N GLY B 31 -9.22 -12.79 -38.05
CA GLY B 31 -9.58 -14.16 -38.45
C GLY B 31 -9.54 -15.09 -37.26
N ASP B 32 -8.74 -16.15 -37.36
CA ASP B 32 -8.57 -17.12 -36.25
C ASP B 32 -7.38 -16.77 -35.34
N ASP B 33 -6.74 -15.61 -35.57
CA ASP B 33 -5.59 -15.20 -34.78
C ASP B 33 -5.96 -14.06 -33.81
N TYR B 34 -5.42 -14.15 -32.60
CA TYR B 34 -5.56 -13.07 -31.62
C TYR B 34 -4.20 -12.42 -31.34
N TYR B 35 -4.21 -11.08 -31.21
CA TYR B 35 -3.01 -10.32 -30.88
C TYR B 35 -3.29 -9.45 -29.68
N LEU B 36 -2.32 -9.37 -28.76
CA LEU B 36 -2.50 -8.67 -27.49
C LEU B 36 -1.29 -7.81 -27.16
N VAL B 37 -1.54 -6.65 -26.56
CA VAL B 37 -0.50 -5.72 -26.15
C VAL B 37 -0.66 -5.31 -24.68
N ASN B 38 0.47 -4.98 -24.03
CA ASN B 38 0.52 -4.47 -22.64
C ASN B 38 1.28 -3.15 -22.54
N SER B 39 0.99 -2.38 -21.52
CA SER B 39 1.82 -1.21 -21.17
C SER B 39 3.22 -1.63 -20.67
N SER B 40 4.18 -0.73 -20.89
CA SER B 40 5.60 -1.01 -20.57
C SER B 40 6.36 0.11 -19.85
N PHE B 41 5.74 1.27 -19.67
CA PHE B 41 6.28 2.34 -18.82
C PHE B 41 7.67 2.77 -19.27
N GLN B 42 8.67 2.62 -18.42
CA GLN B 42 10.02 3.11 -18.72
C GLN B 42 10.92 2.19 -19.53
N TYR B 43 10.41 1.02 -19.89
CA TYR B 43 11.22 -0.01 -20.52
C TYR B 43 11.25 0.01 -22.05
N PHE B 44 12.40 -0.37 -22.59
CA PHE B 44 12.63 -0.40 -24.05
C PHE B 44 13.20 -1.76 -24.44
N PRO B 45 12.69 -2.45 -25.49
CA PRO B 45 11.59 -2.03 -26.34
C PRO B 45 10.25 -1.95 -25.59
N GLY B 46 9.32 -1.22 -26.19
CA GLY B 46 8.03 -0.94 -25.57
C GLY B 46 6.88 -1.69 -26.21
N VAL B 47 5.84 -1.87 -25.42
CA VAL B 47 4.57 -2.48 -25.82
C VAL B 47 4.76 -3.93 -26.31
N PRO B 48 4.94 -4.87 -25.37
CA PRO B 48 5.07 -6.26 -25.78
C PRO B 48 3.86 -6.73 -26.56
N LEU B 49 4.11 -7.56 -27.56
CA LEU B 49 3.09 -8.00 -28.52
C LEU B 49 3.03 -9.51 -28.54
N PHE B 50 1.85 -10.03 -28.27
CA PHE B 50 1.63 -11.46 -28.11
C PHE B 50 0.63 -12.00 -29.15
N HIS B 51 0.73 -13.29 -29.43
CA HIS B 51 -0.18 -13.97 -30.37
C HIS B 51 -0.73 -15.23 -29.71
N SER B 52 -1.98 -15.54 -30.01
CA SER B 52 -2.66 -16.76 -29.52
C SER B 52 -3.71 -17.25 -30.49
N LYS B 53 -3.97 -18.56 -30.43
CA LYS B 53 -5.09 -19.19 -31.16
CA LYS B 53 -5.11 -19.14 -31.17
C LYS B 53 -6.29 -19.49 -30.26
N ASP B 54 -6.08 -19.41 -28.94
CA ASP B 54 -7.09 -19.85 -27.98
C ASP B 54 -7.44 -18.90 -26.82
N LEU B 55 -6.76 -17.76 -26.75
CA LEU B 55 -6.85 -16.76 -25.64
C LEU B 55 -6.19 -17.17 -24.30
N VAL B 56 -5.75 -18.42 -24.20
CA VAL B 56 -5.17 -18.96 -22.96
C VAL B 56 -3.65 -18.97 -23.05
N HIS B 57 -3.13 -19.50 -24.17
CA HIS B 57 -1.70 -19.64 -24.40
C HIS B 57 -1.21 -18.57 -25.36
N TRP B 58 -0.22 -17.80 -24.92
CA TRP B 58 0.31 -16.67 -25.67
C TRP B 58 1.81 -16.80 -25.92
N GLU B 59 2.24 -16.50 -27.15
CA GLU B 59 3.65 -16.38 -27.49
CA GLU B 59 3.66 -16.38 -27.50
C GLU B 59 3.98 -14.90 -27.70
N GLN B 60 5.11 -14.44 -27.14
CA GLN B 60 5.53 -13.07 -27.41
C GLN B 60 6.25 -13.06 -28.76
N ILE B 61 5.61 -12.43 -29.75
CA ILE B 61 6.16 -12.40 -31.09
C ILE B 61 7.03 -11.19 -31.34
N GLY B 62 6.95 -10.20 -30.47
CA GLY B 62 7.74 -8.97 -30.65
C GLY B 62 7.35 -7.91 -29.66
N ASN B 63 7.64 -6.67 -30.05
CA ASN B 63 7.22 -5.48 -29.34
C ASN B 63 6.81 -4.45 -30.39
N CYS B 64 5.81 -3.61 -30.10
CA CYS B 64 5.36 -2.66 -31.14
C CYS B 64 6.34 -1.51 -31.33
N LEU B 65 7.03 -1.13 -30.25
CA LEU B 65 7.93 0.05 -30.25
C LEU B 65 9.37 -0.44 -30.08
N THR B 66 10.05 -0.59 -31.22
CA THR B 66 11.36 -1.22 -31.28
C THR B 66 12.49 -0.28 -31.65
N ARG B 67 12.17 0.95 -32.06
CA ARG B 67 13.17 1.89 -32.57
C ARG B 67 13.10 3.20 -31.76
N PRO B 68 14.26 3.84 -31.48
CA PRO B 68 14.26 5.14 -30.78
C PRO B 68 13.31 6.21 -31.36
N SER B 69 13.15 6.26 -32.68
CA SER B 69 12.22 7.21 -33.33
C SER B 69 10.76 6.99 -32.95
N GLN B 70 10.41 5.78 -32.51
CA GLN B 70 9.08 5.46 -32.03
C GLN B 70 8.84 5.72 -30.54
N LEU B 71 9.90 5.95 -29.77
CA LEU B 71 9.79 5.84 -28.32
C LEU B 71 10.94 6.57 -27.61
N ASP B 72 10.68 7.82 -27.22
CA ASP B 72 11.60 8.61 -26.43
C ASP B 72 11.27 8.42 -24.93
N LEU B 73 12.13 7.70 -24.23
CA LEU B 73 12.00 7.46 -22.82
C LEU B 73 13.00 8.24 -21.94
N THR B 74 13.50 9.37 -22.45
CA THR B 74 14.39 10.20 -21.67
C THR B 74 13.70 10.52 -20.34
N ASN B 75 14.41 10.25 -19.26
CA ASN B 75 13.95 10.49 -17.88
C ASN B 75 12.73 9.69 -17.41
N ALA B 76 12.26 8.72 -18.19
CA ALA B 76 11.10 7.92 -17.77
C ALA B 76 11.42 7.04 -16.56
N ASN B 77 10.39 6.74 -15.78
CA ASN B 77 10.52 5.88 -14.61
C ASN B 77 9.25 5.05 -14.46
N SER B 78 9.12 4.33 -13.34
CA SER B 78 7.99 3.41 -13.13
C SER B 78 6.62 4.10 -13.07
N GLY B 79 6.61 5.43 -12.97
CA GLY B 79 5.37 6.19 -13.02
C GLY B 79 5.11 6.94 -14.31
N SER B 80 5.93 6.70 -15.33
CA SER B 80 5.81 7.45 -16.59
C SER B 80 6.12 6.57 -17.79
N GLY B 81 6.58 7.15 -18.92
CA GLY B 81 6.73 6.40 -20.13
C GLY B 81 5.42 6.00 -20.80
N ILE B 82 5.38 4.77 -21.30
CA ILE B 82 4.22 4.23 -22.03
C ILE B 82 3.14 3.68 -21.10
N PHE B 83 1.97 4.30 -21.17
CA PHE B 83 0.79 3.91 -20.40
C PHE B 83 -0.08 2.91 -21.22
N ALA B 84 -1.32 2.65 -20.84
CA ALA B 84 -2.15 1.63 -21.49
C ALA B 84 -2.17 1.78 -23.02
N PRO B 85 -1.93 0.69 -23.74
CA PRO B 85 -2.09 0.65 -25.19
C PRO B 85 -3.38 -0.08 -25.60
N THR B 86 -3.87 0.23 -26.79
CA THR B 86 -4.98 -0.50 -27.38
C THR B 86 -4.57 -0.99 -28.77
N ILE B 87 -4.94 -2.23 -29.09
CA ILE B 87 -4.65 -2.80 -30.41
C ILE B 87 -5.96 -3.12 -31.14
N ARG B 88 -6.02 -2.73 -32.41
CA ARG B 88 -7.20 -2.95 -33.24
C ARG B 88 -6.80 -3.38 -34.67
N TYR B 89 -7.70 -4.12 -35.30
CA TYR B 89 -7.51 -4.63 -36.65
C TYR B 89 -8.68 -4.21 -37.51
N ASN B 90 -8.40 -3.55 -38.62
CA ASN B 90 -9.46 -3.09 -39.53
C ASN B 90 -8.98 -3.04 -40.98
N ASP B 91 -9.71 -3.68 -41.88
CA ASP B 91 -9.41 -3.62 -43.31
C ASP B 91 -7.94 -3.94 -43.60
N GLY B 92 -7.43 -5.00 -42.99
CA GLY B 92 -6.07 -5.46 -43.24
C GLY B 92 -4.94 -4.71 -42.54
N VAL B 93 -5.28 -3.73 -41.69
CA VAL B 93 -4.28 -2.94 -40.98
C VAL B 93 -4.45 -3.11 -39.47
N PHE B 94 -3.32 -3.32 -38.79
CA PHE B 94 -3.25 -3.31 -37.33
C PHE B 94 -2.82 -1.92 -36.86
N TYR B 95 -3.48 -1.43 -35.80
CA TYR B 95 -3.18 -0.17 -35.19
C TYR B 95 -2.93 -0.40 -33.70
N MET B 96 -1.87 0.24 -33.17
CA MET B 96 -1.59 0.25 -31.73
C MET B 96 -1.53 1.72 -31.32
N ILE B 97 -2.44 2.10 -30.44
CA ILE B 97 -2.61 3.47 -29.99
C ILE B 97 -2.30 3.52 -28.48
N THR B 98 -1.55 4.54 -28.04
CA THR B 98 -1.12 4.62 -26.64
C THR B 98 -0.70 6.04 -26.32
N THR B 99 -0.20 6.23 -25.10
CA THR B 99 0.28 7.54 -24.63
C THR B 99 1.69 7.39 -24.13
N ASN B 100 2.60 8.22 -24.65
CA ASN B 100 3.91 8.43 -24.02
C ASN B 100 3.81 9.65 -23.12
N VAL B 101 3.58 9.40 -21.83
CA VAL B 101 3.37 10.43 -20.83
CA VAL B 101 3.38 10.49 -20.88
C VAL B 101 4.65 11.24 -20.54
N SER B 102 5.82 10.64 -20.84
CA SER B 102 7.11 11.33 -20.69
C SER B 102 7.41 12.23 -21.87
N GLY B 103 6.78 11.94 -22.99
CA GLY B 103 7.04 12.63 -24.25
C GLY B 103 5.81 13.36 -24.77
N LYS B 104 5.51 13.19 -26.06
CA LYS B 104 4.52 14.06 -26.70
C LYS B 104 3.06 13.60 -26.59
N GLY B 105 2.76 12.58 -25.77
CA GLY B 105 1.37 12.21 -25.50
C GLY B 105 0.82 11.12 -26.40
N ASN B 106 -0.39 11.33 -26.92
CA ASN B 106 -1.11 10.29 -27.67
C ASN B 106 -0.59 10.14 -29.08
N PHE B 107 -0.41 8.89 -29.48
CA PHE B 107 0.02 8.55 -30.84
C PHE B 107 -0.40 7.13 -31.19
N LEU B 108 -0.33 6.81 -32.47
CA LEU B 108 -0.45 5.41 -32.88
C LEU B 108 0.67 5.00 -33.82
N VAL B 109 0.88 3.70 -33.91
CA VAL B 109 1.69 3.09 -34.98
C VAL B 109 0.86 2.01 -35.64
N HIS B 110 1.22 1.67 -36.89
CA HIS B 110 0.45 0.71 -37.65
C HIS B 110 1.30 -0.23 -38.48
N THR B 111 0.70 -1.35 -38.89
CA THR B 111 1.37 -2.31 -39.78
C THR B 111 0.34 -3.21 -40.45
N THR B 112 0.71 -3.76 -41.60
CA THR B 112 -0.07 -4.80 -42.27
CA THR B 112 -0.09 -4.82 -42.23
C THR B 112 0.36 -6.23 -41.80
N ASP B 113 1.50 -6.31 -41.10
CA ASP B 113 2.07 -7.58 -40.62
C ASP B 113 2.55 -7.43 -39.17
N PRO B 114 1.85 -8.04 -38.19
CA PRO B 114 2.27 -7.87 -36.78
C PRO B 114 3.70 -8.30 -36.44
N ARG B 115 4.25 -9.23 -37.24
CA ARG B 115 5.61 -9.75 -37.04
CA ARG B 115 5.61 -9.74 -37.05
C ARG B 115 6.69 -8.85 -37.64
N SER B 116 6.31 -7.83 -38.40
CA SER B 116 7.28 -6.91 -38.99
C SER B 116 7.48 -5.68 -38.10
N GLU B 117 8.38 -4.79 -38.54
CA GLU B 117 8.53 -3.49 -37.90
C GLU B 117 7.24 -2.69 -38.09
N TRP B 118 6.81 -1.98 -37.05
CA TRP B 118 5.64 -1.11 -37.16
C TRP B 118 6.08 0.29 -37.60
N SER B 119 5.10 1.10 -37.98
CA SER B 119 5.34 2.43 -38.54
C SER B 119 5.99 3.42 -37.55
N GLU B 120 6.45 4.53 -38.11
CA GLU B 120 6.78 5.71 -37.33
C GLU B 120 5.50 6.22 -36.63
N PRO B 121 5.65 6.97 -35.50
CA PRO B 121 4.44 7.44 -34.81
C PRO B 121 3.62 8.41 -35.61
N VAL B 122 2.30 8.29 -35.46
CA VAL B 122 1.32 9.24 -35.94
C VAL B 122 0.79 9.93 -34.68
N TRP B 123 1.19 11.18 -34.47
CA TRP B 123 0.81 11.95 -33.29
C TRP B 123 -0.64 12.46 -33.42
N LEU B 124 -1.35 12.44 -32.29
CA LEU B 124 -2.78 12.70 -32.23
C LEU B 124 -3.11 13.91 -31.35
N GLU B 125 -4.23 14.58 -31.66
CA GLU B 125 -4.59 15.86 -31.05
C GLU B 125 -5.27 15.72 -29.69
N GLN B 126 -6.23 14.81 -29.57
CA GLN B 126 -7.00 14.67 -28.32
C GLN B 126 -6.09 14.20 -27.20
N GLY B 127 -6.29 14.78 -26.01
CA GLY B 127 -5.41 14.56 -24.85
C GLY B 127 -5.91 13.48 -23.93
N GLY B 128 -5.55 13.58 -22.66
CA GLY B 128 -5.78 12.48 -21.73
C GLY B 128 -4.89 11.24 -21.99
N ILE B 129 -5.22 10.15 -21.31
CA ILE B 129 -4.52 8.87 -21.48
C ILE B 129 -5.52 7.79 -21.93
N ASP B 130 -5.03 6.57 -22.04
CA ASP B 130 -5.84 5.40 -22.40
C ASP B 130 -6.65 5.58 -23.68
N PRO B 131 -5.97 6.00 -24.77
CA PRO B 131 -6.67 6.14 -26.04
C PRO B 131 -7.06 4.78 -26.61
N SER B 132 -8.19 4.75 -27.31
CA SER B 132 -8.72 3.54 -27.92
C SER B 132 -9.44 3.88 -29.22
N LEU B 133 -9.45 2.94 -30.16
CA LEU B 133 -10.11 3.11 -31.45
C LEU B 133 -11.24 2.12 -31.67
N TYR B 134 -12.26 2.59 -32.38
CA TYR B 134 -13.42 1.80 -32.77
C TYR B 134 -13.70 2.19 -34.23
N PHE B 135 -13.95 1.20 -35.08
CA PHE B 135 -14.17 1.41 -36.51
C PHE B 135 -15.59 1.02 -36.96
N GLU B 136 -16.22 1.87 -37.76
CA GLU B 136 -17.52 1.60 -38.36
C GLU B 136 -17.75 2.44 -39.61
N ASP B 137 -18.35 1.86 -40.65
CA ASP B 137 -18.81 2.61 -41.84
C ASP B 137 -17.67 3.42 -42.48
N GLY B 138 -16.47 2.86 -42.54
CA GLY B 138 -15.30 3.60 -43.06
C GLY B 138 -14.76 4.75 -42.20
N LYS B 139 -15.26 4.87 -40.96
CA LYS B 139 -14.86 5.92 -40.03
C LYS B 139 -14.10 5.31 -38.87
N CYS B 140 -13.22 6.10 -38.29
CA CYS B 140 -12.41 5.73 -37.13
C CYS B 140 -12.69 6.70 -35.98
N PHE B 141 -13.16 6.15 -34.87
CA PHE B 141 -13.52 6.90 -33.67
C PHE B 141 -12.50 6.65 -32.57
N MET B 142 -12.05 7.73 -31.95
CA MET B 142 -11.06 7.72 -30.87
C MET B 142 -11.75 8.13 -29.56
N VAL B 143 -11.46 7.40 -28.50
CA VAL B 143 -11.79 7.80 -27.15
C VAL B 143 -10.52 7.88 -26.30
N SER B 144 -10.55 8.76 -25.31
CA SER B 144 -9.52 8.86 -24.25
C SER B 144 -10.18 9.60 -23.06
N ASN B 145 -9.45 9.88 -21.99
CA ASN B 145 -10.10 10.35 -20.75
C ASN B 145 -9.68 11.70 -20.19
N PRO B 146 -9.47 12.70 -21.06
CA PRO B 146 -9.01 13.98 -20.50
C PRO B 146 -9.96 14.58 -19.41
N ASP B 147 -9.35 14.99 -18.28
CA ASP B 147 -10.08 15.65 -17.17
CA ASP B 147 -10.08 15.64 -17.18
C ASP B 147 -11.13 14.75 -16.52
N GLY B 148 -10.95 13.43 -16.60
CA GLY B 148 -11.90 12.48 -16.00
C GLY B 148 -13.18 12.24 -16.77
N TYR B 149 -13.29 12.80 -17.97
CA TYR B 149 -14.43 12.55 -18.85
C TYR B 149 -13.94 11.71 -20.02
N ILE B 150 -14.72 10.70 -20.38
CA ILE B 150 -14.47 10.00 -21.63
C ILE B 150 -14.86 10.95 -22.77
N ASN B 151 -13.90 11.28 -23.63
CA ASN B 151 -14.13 12.12 -24.81
C ASN B 151 -14.06 11.28 -26.09
N LEU B 152 -14.93 11.62 -27.04
CA LEU B 152 -15.06 10.94 -28.32
C LEU B 152 -14.75 11.93 -29.44
N CYS B 153 -13.98 11.50 -30.42
CA CYS B 153 -13.86 12.23 -31.67
C CYS B 153 -13.69 11.26 -32.82
N GLU B 154 -13.77 11.78 -34.04
CA GLU B 154 -13.44 11.01 -35.24
C GLU B 154 -12.06 11.47 -35.67
N ILE B 155 -11.22 10.51 -36.11
CA ILE B 155 -9.88 10.81 -36.64
C ILE B 155 -9.62 10.14 -37.98
N ASP B 156 -8.65 10.67 -38.70
CA ASP B 156 -8.01 9.91 -39.79
C ASP B 156 -6.77 9.25 -39.19
N PRO B 157 -6.76 7.91 -39.07
CA PRO B 157 -5.65 7.29 -38.35
C PRO B 157 -4.34 7.24 -39.12
N MET B 158 -4.36 7.50 -40.43
CA MET B 158 -3.13 7.51 -41.24
CA MET B 158 -3.14 7.52 -41.24
C MET B 158 -2.50 8.91 -41.24
N THR B 159 -3.31 9.97 -41.28
CA THR B 159 -2.76 11.33 -41.22
C THR B 159 -2.62 11.86 -39.80
N GLY B 160 -3.40 11.30 -38.87
CA GLY B 160 -3.48 11.80 -37.51
C GLY B 160 -4.43 12.97 -37.30
N LYS B 161 -5.06 13.48 -38.38
CA LYS B 161 -5.94 14.66 -38.28
C LYS B 161 -7.22 14.34 -37.50
N GLN B 162 -7.57 15.20 -36.56
CA GLN B 162 -8.89 15.10 -35.89
C GLN B 162 -9.95 15.71 -36.80
N LEU B 163 -11.01 14.96 -37.06
CA LEU B 163 -12.02 15.30 -38.06
C LEU B 163 -13.34 15.87 -37.51
N SER B 164 -13.60 15.65 -36.22
CA SER B 164 -14.75 16.22 -35.51
C SER B 164 -14.33 16.75 -34.15
N SER B 165 -15.14 17.63 -33.57
CA SER B 165 -14.86 18.19 -32.25
C SER B 165 -14.92 17.09 -31.20
N SER B 166 -14.03 17.17 -30.20
CA SER B 166 -14.13 16.25 -29.04
C SER B 166 -15.42 16.50 -28.26
N LYS B 167 -16.09 15.39 -27.90
CA LYS B 167 -17.34 15.45 -27.14
CA LYS B 167 -17.33 15.45 -27.14
CA LYS B 167 -17.33 15.44 -27.15
C LYS B 167 -17.23 14.60 -25.88
N ARG B 168 -17.63 15.18 -24.74
CA ARG B 168 -17.69 14.41 -23.49
CA ARG B 168 -17.68 14.41 -23.49
C ARG B 168 -18.90 13.49 -23.56
N ILE B 169 -18.67 12.16 -23.45
CA ILE B 169 -19.78 11.20 -23.58
C ILE B 169 -20.22 10.51 -22.31
N TRP B 170 -19.35 10.41 -21.33
CA TRP B 170 -19.67 9.70 -20.06
C TRP B 170 -18.57 10.02 -19.06
N ASN B 171 -18.87 10.00 -17.78
CA ASN B 171 -17.82 10.12 -16.77
C ASN B 171 -17.86 8.98 -15.75
N GLY B 172 -18.49 7.87 -16.14
CA GLY B 172 -18.58 6.68 -15.30
C GLY B 172 -19.69 6.70 -14.27
N THR B 173 -19.65 5.72 -13.37
CA THR B 173 -20.68 5.59 -12.33
C THR B 173 -20.46 6.45 -11.10
N GLY B 174 -19.29 7.08 -11.00
CA GLY B 174 -18.94 7.93 -9.86
C GLY B 174 -17.66 7.48 -9.18
N GLY B 175 -17.14 6.32 -9.55
CA GLY B 175 -15.90 5.85 -8.98
C GLY B 175 -14.70 6.67 -9.43
N ARG B 176 -13.60 6.52 -8.69
CA ARG B 176 -12.40 7.29 -8.96
C ARG B 176 -11.67 6.88 -10.25
N TYR B 177 -11.01 7.86 -10.85
CA TYR B 177 -10.05 7.61 -11.94
C TYR B 177 -10.63 6.81 -13.10
N ALA B 178 -11.75 7.30 -13.63
CA ALA B 178 -12.38 6.74 -14.83
C ALA B 178 -11.36 6.70 -15.95
N GLU B 179 -11.12 5.52 -16.52
CA GLU B 179 -10.07 5.34 -17.50
C GLU B 179 -10.32 4.08 -18.33
N GLY B 180 -9.38 3.74 -19.20
CA GLY B 180 -9.50 2.56 -20.08
C GLY B 180 -10.78 2.44 -20.90
N PRO B 181 -11.24 3.54 -21.53
CA PRO B 181 -12.50 3.41 -22.28
C PRO B 181 -12.35 2.59 -23.58
N HIS B 182 -13.32 1.73 -23.85
CA HIS B 182 -13.42 1.08 -25.15
C HIS B 182 -14.91 1.05 -25.58
N ILE B 183 -15.15 1.32 -26.87
CA ILE B 183 -16.49 1.22 -27.48
C ILE B 183 -16.61 -0.09 -28.28
N TYR B 184 -17.75 -0.74 -28.13
CA TYR B 184 -18.13 -1.91 -28.91
C TYR B 184 -19.57 -1.72 -29.35
N LYS B 185 -19.92 -2.27 -30.50
CA LYS B 185 -21.30 -2.23 -31.01
C LYS B 185 -21.84 -3.65 -31.05
N LYS B 186 -22.99 -3.85 -30.39
CA LYS B 186 -23.63 -5.17 -30.34
C LYS B 186 -25.13 -4.99 -30.21
N ASP B 187 -25.90 -5.69 -31.05
CA ASP B 187 -27.37 -5.69 -30.93
C ASP B 187 -27.97 -4.30 -30.99
N GLY B 188 -27.40 -3.42 -31.82
CA GLY B 188 -27.92 -2.08 -32.02
C GLY B 188 -27.62 -1.08 -30.89
N TRP B 189 -26.72 -1.47 -29.99
CA TRP B 189 -26.27 -0.63 -28.90
C TRP B 189 -24.77 -0.34 -29.05
N TYR B 190 -24.37 0.90 -28.76
CA TYR B 190 -22.98 1.25 -28.46
C TYR B 190 -22.75 1.02 -26.99
N TYR B 191 -21.85 0.07 -26.70
CA TYR B 191 -21.39 -0.21 -25.33
C TYR B 191 -20.09 0.51 -25.04
N LEU B 192 -20.03 1.18 -23.90
CA LEU B 192 -18.80 1.86 -23.43
C LEU B 192 -18.36 1.20 -22.15
N LEU B 193 -17.22 0.52 -22.24
CA LEU B 193 -16.61 -0.17 -21.12
CA LEU B 193 -16.60 -0.19 -21.12
C LEU B 193 -15.48 0.69 -20.59
N ILE B 194 -15.41 0.84 -19.26
CA ILE B 194 -14.30 1.60 -18.61
C ILE B 194 -13.84 0.90 -17.32
N SER B 195 -12.73 1.44 -16.80
CA SER B 195 -12.23 1.11 -15.47
CA SER B 195 -12.17 1.11 -15.50
C SER B 195 -12.49 2.25 -14.53
N GLU B 196 -12.86 1.92 -13.31
CA GLU B 196 -13.00 2.85 -12.20
C GLU B 196 -12.34 2.24 -10.97
N GLY B 197 -12.18 3.07 -9.94
CA GLY B 197 -11.74 2.59 -8.63
C GLY B 197 -10.25 2.65 -8.38
N GLY B 198 -9.46 3.01 -9.40
CA GLY B 198 -8.01 3.00 -9.29
C GLY B 198 -7.46 1.60 -9.50
N THR B 199 -6.20 1.53 -9.86
CA THR B 199 -5.59 0.23 -10.22
C THR B 199 -5.05 -0.54 -8.99
N GLU B 200 -5.56 -0.25 -7.80
CA GLU B 200 -5.16 -0.98 -6.58
C GLU B 200 -6.38 -1.81 -6.10
N LEU B 201 -6.62 -1.99 -4.80
CA LEU B 201 -7.69 -2.92 -4.33
C LEU B 201 -9.12 -2.55 -4.74
N GLY B 202 -9.35 -1.29 -5.11
CA GLY B 202 -10.69 -0.84 -5.51
C GLY B 202 -11.04 -0.97 -6.99
N HIS B 203 -10.12 -1.49 -7.79
CA HIS B 203 -10.30 -1.60 -9.25
C HIS B 203 -11.58 -2.34 -9.59
N LYS B 204 -12.29 -1.82 -10.57
CA LYS B 204 -13.53 -2.43 -11.05
C LYS B 204 -13.76 -2.07 -12.51
N VAL B 205 -14.51 -2.92 -13.19
CA VAL B 205 -14.92 -2.70 -14.57
C VAL B 205 -16.39 -2.31 -14.57
N THR B 206 -16.73 -1.21 -15.24
CA THR B 206 -18.12 -0.78 -15.39
C THR B 206 -18.44 -0.61 -16.86
N ILE B 207 -19.73 -0.68 -17.20
CA ILE B 207 -20.17 -0.50 -18.59
CA ILE B 207 -20.17 -0.58 -18.58
C ILE B 207 -21.48 0.22 -18.68
N ALA B 208 -21.63 0.94 -19.79
CA ALA B 208 -22.82 1.70 -20.12
C ALA B 208 -23.18 1.48 -21.57
N ARG B 209 -24.37 1.92 -21.97
CA ARG B 209 -24.78 1.78 -23.37
C ARG B 209 -25.68 2.92 -23.83
N SER B 210 -25.68 3.15 -25.14
CA SER B 210 -26.54 4.14 -25.79
C SER B 210 -26.88 3.68 -27.20
N ARG B 211 -28.02 4.12 -27.73
CA ARG B 211 -28.31 3.92 -29.16
C ARG B 211 -27.45 4.77 -30.07
N TYR B 212 -26.80 5.80 -29.50
CA TYR B 212 -25.96 6.72 -30.26
C TYR B 212 -24.52 6.67 -29.75
N ILE B 213 -23.55 6.67 -30.67
CA ILE B 213 -22.14 6.59 -30.22
C ILE B 213 -21.75 7.78 -29.33
N ASP B 214 -22.37 8.94 -29.58
CA ASP B 214 -22.12 10.15 -28.84
C ASP B 214 -23.08 10.40 -27.68
N GLY B 215 -23.82 9.36 -27.28
CA GLY B 215 -24.60 9.37 -26.03
C GLY B 215 -25.99 9.97 -26.17
N PRO B 216 -26.71 10.13 -25.06
CA PRO B 216 -26.22 9.85 -23.71
C PRO B 216 -26.20 8.36 -23.35
N TYR B 217 -25.27 8.04 -22.45
CA TYR B 217 -25.04 6.68 -22.01
C TYR B 217 -25.74 6.42 -20.68
N GLN B 218 -26.33 5.23 -20.55
CA GLN B 218 -26.95 4.74 -19.31
C GLN B 218 -26.16 3.55 -18.79
N GLY B 219 -25.83 3.59 -17.50
CA GLY B 219 -25.06 2.54 -16.87
C GLY B 219 -25.84 1.27 -16.63
N ASN B 220 -25.15 0.13 -16.75
CA ASN B 220 -25.69 -1.17 -16.36
C ASN B 220 -26.12 -1.12 -14.89
N PRO B 221 -27.39 -1.39 -14.58
CA PRO B 221 -27.80 -1.48 -13.16
C PRO B 221 -26.99 -2.47 -12.32
N ALA B 222 -26.42 -3.50 -12.98
CA ALA B 222 -25.56 -4.48 -12.29
C ALA B 222 -24.09 -4.06 -12.16
N ASN B 223 -23.72 -2.83 -12.53
CA ASN B 223 -22.33 -2.38 -12.35
C ASN B 223 -21.86 -2.49 -10.88
N PRO B 224 -20.60 -2.83 -10.66
CA PRO B 224 -19.61 -3.18 -11.69
C PRO B 224 -19.73 -4.63 -12.18
N ILE B 225 -19.30 -4.88 -13.41
CA ILE B 225 -19.39 -6.22 -13.98
C ILE B 225 -18.19 -7.13 -13.62
N LEU B 226 -17.10 -6.54 -13.15
CA LEU B 226 -15.94 -7.30 -12.66
C LEU B 226 -15.25 -6.52 -11.56
N THR B 227 -15.11 -7.14 -10.39
CA THR B 227 -14.33 -6.56 -9.30
C THR B 227 -14.09 -7.57 -8.22
N HIS B 228 -12.90 -7.51 -7.59
CA HIS B 228 -12.69 -8.21 -6.33
C HIS B 228 -12.72 -7.28 -5.12
N ALA B 229 -13.19 -6.05 -5.31
CA ALA B 229 -13.24 -5.07 -4.22
C ALA B 229 -14.30 -5.36 -3.17
N ASN B 230 -15.34 -6.11 -3.56
CA ASN B 230 -16.50 -6.32 -2.69
C ASN B 230 -16.36 -7.58 -1.85
N GLU B 231 -17.36 -7.88 -1.02
CA GLU B 231 -17.27 -9.06 -0.14
C GLU B 231 -16.96 -10.35 -0.94
N SER B 232 -17.52 -10.48 -2.14
CA SER B 232 -17.31 -11.68 -2.96
C SER B 232 -15.86 -11.92 -3.38
N GLY B 233 -15.03 -10.86 -3.37
CA GLY B 233 -13.62 -10.95 -3.73
C GLY B 233 -12.60 -10.76 -2.62
N GLN B 234 -13.06 -10.46 -1.39
CA GLN B 234 -12.13 -10.06 -0.34
C GLN B 234 -11.11 -11.14 0.05
N SER B 235 -11.48 -12.42 -0.05
CA SER B 235 -10.59 -13.53 0.32
CA SER B 235 -10.56 -13.51 0.32
C SER B 235 -9.74 -14.05 -0.86
N SER B 236 -9.91 -13.46 -2.04
CA SER B 236 -9.24 -13.97 -3.22
C SER B 236 -7.73 -13.71 -3.18
N PRO B 237 -6.94 -14.66 -3.69
CA PRO B 237 -5.51 -14.37 -3.90
C PRO B 237 -5.23 -13.36 -5.02
N ILE B 238 -6.24 -13.11 -5.85
CA ILE B 238 -6.18 -12.12 -6.93
C ILE B 238 -6.90 -10.86 -6.44
N GLN B 239 -6.28 -9.71 -6.64
CA GLN B 239 -6.88 -8.43 -6.30
C GLN B 239 -6.67 -7.45 -7.44
N GLY B 240 -7.43 -6.35 -7.40
CA GLY B 240 -7.25 -5.26 -8.34
C GLY B 240 -7.59 -5.59 -9.77
N THR B 241 -8.69 -6.34 -9.97
CA THR B 241 -9.16 -6.71 -11.31
C THR B 241 -9.74 -5.52 -12.07
N GLY B 242 -9.25 -5.24 -13.26
CA GLY B 242 -9.82 -4.16 -14.06
C GLY B 242 -9.08 -3.95 -15.35
N HIS B 243 -9.36 -2.84 -16.02
CA HIS B 243 -8.75 -2.53 -17.32
C HIS B 243 -8.95 -3.66 -18.35
N ALA B 244 -10.22 -3.91 -18.63
CA ALA B 244 -10.64 -5.01 -19.48
C ALA B 244 -10.77 -4.61 -20.95
N ASP B 245 -10.72 -5.61 -21.82
CA ASP B 245 -11.02 -5.45 -23.25
C ASP B 245 -11.80 -6.70 -23.64
N LEU B 246 -12.97 -6.51 -24.20
CA LEU B 246 -13.85 -7.58 -24.67
C LEU B 246 -13.43 -8.13 -26.05
N VAL B 247 -13.57 -9.44 -26.25
CA VAL B 247 -13.22 -10.05 -27.54
C VAL B 247 -14.08 -11.28 -27.82
N GLU B 248 -14.39 -11.48 -29.09
CA GLU B 248 -15.21 -12.60 -29.51
C GLU B 248 -14.36 -13.87 -29.73
N GLY B 249 -14.87 -14.99 -29.26
CA GLY B 249 -14.30 -16.30 -29.57
C GLY B 249 -14.59 -16.71 -31.01
N THR B 250 -13.80 -17.64 -31.52
CA THR B 250 -13.99 -18.15 -32.89
C THR B 250 -15.30 -18.93 -33.05
N ASP B 251 -15.87 -19.39 -31.92
CA ASP B 251 -17.12 -20.11 -31.88
C ASP B 251 -18.33 -19.22 -31.53
N GLY B 252 -18.14 -17.89 -31.50
CA GLY B 252 -19.21 -16.97 -31.12
C GLY B 252 -19.37 -16.69 -29.62
N SER B 253 -18.57 -17.37 -28.80
CA SER B 253 -18.51 -17.09 -27.37
C SER B 253 -17.85 -15.72 -27.13
N TRP B 254 -17.96 -15.23 -25.90
CA TRP B 254 -17.35 -13.96 -25.50
C TRP B 254 -16.39 -14.11 -24.35
N TRP B 255 -15.39 -13.24 -24.34
CA TRP B 255 -14.26 -13.26 -23.41
C TRP B 255 -13.84 -11.84 -23.10
N MET B 256 -13.16 -11.69 -21.96
CA MET B 256 -12.39 -10.46 -21.72
C MET B 256 -11.01 -10.80 -21.18
N VAL B 257 -10.05 -10.02 -21.63
CA VAL B 257 -8.74 -9.95 -20.97
C VAL B 257 -8.80 -8.78 -20.00
N CYS B 258 -8.09 -8.90 -18.88
CA CYS B 258 -8.00 -7.80 -17.90
C CYS B 258 -6.70 -7.88 -17.14
N LEU B 259 -6.37 -6.83 -16.39
CA LEU B 259 -5.27 -6.91 -15.44
C LEU B 259 -5.78 -7.27 -14.08
N ALA B 260 -4.86 -7.79 -13.27
CA ALA B 260 -5.03 -7.94 -11.82
C ALA B 260 -3.64 -8.24 -11.23
N TYR B 261 -3.58 -8.48 -9.92
CA TYR B 261 -2.33 -8.88 -9.31
C TYR B 261 -2.55 -9.88 -8.20
N ARG B 262 -1.48 -10.60 -7.87
CA ARG B 262 -1.48 -11.61 -6.83
C ARG B 262 -0.87 -11.02 -5.57
N ILE B 263 -1.67 -11.02 -4.52
CA ILE B 263 -1.33 -10.39 -3.24
CA ILE B 263 -1.26 -10.37 -3.27
C ILE B 263 -0.36 -11.28 -2.44
N MET B 264 0.48 -10.63 -1.64
CA MET B 264 1.49 -11.23 -0.78
C MET B 264 1.22 -10.71 0.62
N PRO B 265 1.80 -11.36 1.64
CA PRO B 265 1.55 -10.94 3.04
C PRO B 265 1.84 -9.45 3.29
N GLY B 266 0.93 -8.81 4.02
CA GLY B 266 1.00 -7.38 4.26
C GLY B 266 0.38 -6.51 3.17
N THR B 267 -0.25 -7.15 2.18
CA THR B 267 -0.91 -6.48 1.06
C THR B 267 0.15 -5.83 0.17
N HIS B 268 0.96 -6.70 -0.44
CA HIS B 268 2.02 -6.33 -1.35
C HIS B 268 1.92 -7.12 -2.65
N HIS B 269 2.41 -6.53 -3.75
CA HIS B 269 2.63 -7.29 -4.97
C HIS B 269 3.90 -6.82 -5.67
N THR B 270 4.71 -7.80 -6.07
CA THR B 270 6.01 -7.58 -6.71
C THR B 270 6.09 -8.04 -8.16
N LEU B 271 5.17 -8.88 -8.63
CA LEU B 271 5.19 -9.40 -10.00
C LEU B 271 4.46 -8.49 -10.97
N GLY B 272 4.17 -7.27 -10.56
CA GLY B 272 3.42 -6.33 -11.38
C GLY B 272 1.97 -6.74 -11.51
N ARG B 273 1.27 -5.96 -12.31
CA ARG B 273 -0.06 -6.32 -12.76
C ARG B 273 0.11 -7.22 -13.98
N GLU B 274 -0.64 -8.31 -13.98
CA GLU B 274 -0.47 -9.38 -14.98
C GLU B 274 -1.74 -9.48 -15.81
N THR B 275 -1.70 -10.27 -16.89
CA THR B 275 -2.86 -10.42 -17.77
C THR B 275 -3.66 -11.69 -17.44
N TYR B 276 -4.96 -11.49 -17.18
CA TYR B 276 -5.93 -12.53 -16.81
C TYR B 276 -7.00 -12.66 -17.90
N LEU B 277 -7.65 -13.81 -17.95
CA LEU B 277 -8.72 -14.11 -18.93
C LEU B 277 -9.98 -14.50 -18.17
N ALA B 278 -11.12 -14.00 -18.62
CA ALA B 278 -12.43 -14.38 -18.06
C ALA B 278 -13.44 -14.67 -19.15
N PRO B 279 -14.24 -15.73 -18.95
CA PRO B 279 -15.38 -15.95 -19.85
C PRO B 279 -16.48 -14.94 -19.57
N VAL B 280 -17.23 -14.59 -20.61
CA VAL B 280 -18.32 -13.63 -20.53
C VAL B 280 -19.58 -14.20 -21.21
N ARG B 281 -20.71 -14.17 -20.52
CA ARG B 281 -22.02 -14.45 -21.13
C ARG B 281 -22.55 -13.15 -21.71
N TRP B 282 -22.93 -13.15 -23.00
CA TRP B 282 -23.46 -11.93 -23.62
C TRP B 282 -24.54 -12.31 -24.62
N ASP B 283 -25.70 -12.63 -24.06
CA ASP B 283 -26.86 -13.01 -24.86
C ASP B 283 -27.32 -11.84 -25.72
N LYS B 284 -28.04 -12.18 -26.79
CA LYS B 284 -28.68 -11.16 -27.67
C LYS B 284 -29.55 -10.22 -26.83
N ASP B 285 -29.29 -8.91 -26.93
CA ASP B 285 -30.07 -7.84 -26.28
C ASP B 285 -29.89 -7.76 -24.76
N ALA B 286 -28.90 -8.50 -24.22
CA ALA B 286 -28.61 -8.53 -22.80
C ALA B 286 -27.33 -7.75 -22.52
N TRP B 287 -27.19 -7.32 -21.27
CA TRP B 287 -25.89 -6.87 -20.76
C TRP B 287 -24.91 -8.06 -20.62
N PRO B 288 -23.60 -7.79 -20.73
CA PRO B 288 -22.64 -8.87 -20.47
C PRO B 288 -22.53 -9.17 -18.97
N VAL B 289 -22.27 -10.44 -18.64
CA VAL B 289 -22.04 -10.90 -17.28
C VAL B 289 -20.71 -11.66 -17.30
N VAL B 290 -19.79 -11.26 -16.44
CA VAL B 290 -18.45 -11.84 -16.39
C VAL B 290 -18.37 -12.98 -15.40
N ASN B 291 -18.11 -14.17 -15.94
CA ASN B 291 -17.92 -15.39 -15.12
C ASN B 291 -18.95 -15.56 -14.00
N SER B 292 -20.22 -15.36 -14.35
CA SER B 292 -21.40 -15.50 -13.46
C SER B 292 -21.58 -14.47 -12.36
N ASN B 293 -20.51 -14.19 -11.61
CA ASN B 293 -20.59 -13.31 -10.44
C ASN B 293 -19.57 -12.16 -10.40
N GLY B 294 -18.95 -11.86 -11.55
CA GLY B 294 -18.03 -10.74 -11.63
C GLY B 294 -16.74 -10.93 -10.86
N THR B 295 -16.31 -12.20 -10.73
CA THR B 295 -15.01 -12.57 -10.14
C THR B 295 -14.27 -13.54 -11.04
N ILE B 296 -12.97 -13.66 -10.80
CA ILE B 296 -12.10 -14.62 -11.46
C ILE B 296 -11.30 -15.40 -10.43
N SER B 297 -10.71 -16.53 -10.88
CA SER B 297 -9.97 -17.46 -10.04
C SER B 297 -8.64 -17.86 -10.71
N LEU B 298 -7.71 -18.37 -9.91
CA LEU B 298 -6.46 -18.90 -10.43
C LEU B 298 -6.71 -20.17 -11.25
N LYS B 299 -7.64 -21.03 -10.82
CA LYS B 299 -8.03 -22.21 -11.58
C LYS B 299 -9.42 -21.96 -12.11
N MET B 300 -9.52 -21.82 -13.44
CA MET B 300 -10.77 -21.52 -14.10
C MET B 300 -11.32 -22.81 -14.70
N ASP B 301 -12.32 -23.39 -14.05
CA ASP B 301 -12.93 -24.65 -14.50
C ASP B 301 -14.10 -24.37 -15.44
N VAL B 302 -13.77 -23.94 -16.65
CA VAL B 302 -14.74 -23.48 -17.63
C VAL B 302 -14.41 -23.98 -19.03
N PRO B 303 -15.42 -24.08 -19.92
CA PRO B 303 -15.09 -24.42 -21.31
C PRO B 303 -14.26 -23.35 -21.98
N THR B 304 -13.42 -23.77 -22.93
CA THR B 304 -12.55 -22.86 -23.67
C THR B 304 -12.62 -23.12 -25.17
N LEU B 305 -12.03 -22.20 -25.93
CA LEU B 305 -11.74 -22.48 -27.32
C LEU B 305 -10.77 -23.69 -27.39
N PRO B 306 -10.70 -24.36 -28.55
CA PRO B 306 -9.75 -25.48 -28.69
C PRO B 306 -8.32 -25.03 -28.40
N GLN B 307 -7.67 -25.67 -27.44
CA GLN B 307 -6.38 -25.16 -26.94
C GLN B 307 -5.18 -25.57 -27.80
N GLN B 308 -4.20 -24.69 -27.85
CA GLN B 308 -2.96 -24.87 -28.58
C GLN B 308 -1.87 -24.21 -27.76
N GLU B 309 -0.95 -25.01 -27.24
CA GLU B 309 0.16 -24.50 -26.44
C GLU B 309 1.15 -23.73 -27.31
N MET B 310 1.83 -22.78 -26.71
CA MET B 310 2.79 -21.91 -27.38
C MET B 310 4.16 -22.00 -26.71
N LYS B 311 5.18 -21.50 -27.42
CA LYS B 311 6.55 -21.47 -26.91
C LYS B 311 6.64 -20.49 -25.75
N GLY B 312 7.48 -20.81 -24.77
CA GLY B 312 7.69 -19.96 -23.59
C GLY B 312 9.17 -19.64 -23.38
N ARG B 313 9.44 -19.07 -22.20
CA ARG B 313 10.79 -18.71 -21.83
C ARG B 313 11.64 -19.98 -21.62
N PRO B 314 12.75 -20.08 -22.34
CA PRO B 314 13.65 -21.23 -22.09
C PRO B 314 14.21 -21.25 -20.66
N GLU B 315 14.45 -22.44 -20.11
CA GLU B 315 15.07 -22.54 -18.78
C GLU B 315 16.54 -22.12 -18.76
N ARG B 316 17.23 -22.27 -19.90
CA ARG B 316 18.61 -21.80 -20.07
CA ARG B 316 18.60 -21.81 -20.06
C ARG B 316 18.66 -21.01 -21.37
N ILE B 317 18.76 -19.71 -21.24
CA ILE B 317 18.84 -18.82 -22.40
C ILE B 317 20.31 -18.68 -22.70
N ASP B 318 20.71 -19.06 -23.90
CA ASP B 318 22.07 -18.78 -24.34
C ASP B 318 22.03 -17.66 -25.37
N PHE B 319 23.21 -17.18 -25.72
CA PHE B 319 23.34 -16.05 -26.61
C PHE B 319 24.07 -16.43 -27.89
N LYS B 320 23.98 -17.71 -28.25
CA LYS B 320 24.70 -18.28 -29.39
C LYS B 320 24.21 -17.75 -30.73
N GLU B 321 22.95 -17.28 -30.78
CA GLU B 321 22.36 -16.73 -32.00
CA GLU B 321 22.41 -16.75 -32.03
C GLU B 321 22.68 -15.26 -32.19
N GLY B 322 23.40 -14.66 -31.23
CA GLY B 322 23.82 -13.26 -31.31
C GLY B 322 22.68 -12.28 -31.32
N LYS B 323 21.59 -12.65 -30.63
CA LYS B 323 20.37 -11.83 -30.59
C LYS B 323 19.61 -12.13 -29.32
N LEU B 324 19.00 -11.10 -28.72
CA LEU B 324 18.09 -11.28 -27.58
C LEU B 324 16.67 -11.44 -28.09
N SER B 325 15.90 -12.28 -27.41
CA SER B 325 14.49 -12.45 -27.73
C SER B 325 13.72 -11.15 -27.36
N PRO B 326 12.47 -11.04 -27.84
CA PRO B 326 11.60 -9.92 -27.47
C PRO B 326 11.38 -9.72 -25.95
N GLU B 327 11.63 -10.74 -25.14
CA GLU B 327 11.38 -10.66 -23.70
C GLU B 327 12.32 -9.68 -22.97
N TRP B 328 13.51 -9.46 -23.50
CA TRP B 328 14.52 -8.65 -22.83
C TRP B 328 14.23 -7.16 -22.93
N ILE B 329 14.40 -6.46 -21.81
CA ILE B 329 14.11 -5.03 -21.73
C ILE B 329 15.22 -4.25 -21.03
N HIS B 330 15.38 -3.01 -21.47
CA HIS B 330 16.37 -2.05 -20.97
C HIS B 330 15.65 -0.91 -20.24
N LEU B 331 16.39 -0.21 -19.38
CA LEU B 331 15.87 1.00 -18.73
C LEU B 331 16.01 2.21 -19.65
N GLN B 332 14.91 2.88 -19.95
CA GLN B 332 14.90 4.06 -20.85
C GLN B 332 15.48 3.71 -22.24
N ASN B 333 16.06 4.66 -22.97
CA ASN B 333 16.65 4.33 -24.26
C ASN B 333 18.09 3.83 -24.07
N PRO B 334 18.38 2.57 -24.43
CA PRO B 334 19.73 2.08 -24.16
C PRO B 334 20.79 2.65 -25.09
N GLU B 335 22.05 2.63 -24.64
CA GLU B 335 23.19 2.88 -25.52
CA GLU B 335 23.17 2.88 -25.56
C GLU B 335 23.48 1.57 -26.23
N ALA B 336 23.01 1.42 -27.47
CA ALA B 336 23.08 0.16 -28.21
C ALA B 336 24.48 -0.42 -28.31
N LYS B 337 25.50 0.43 -28.44
CA LYS B 337 26.88 -0.04 -28.59
C LYS B 337 27.44 -0.76 -27.35
N ASN B 338 26.79 -0.63 -26.19
CA ASN B 338 27.27 -1.28 -24.96
C ASN B 338 26.76 -2.71 -24.74
N TYR B 339 26.03 -3.25 -25.70
CA TYR B 339 25.52 -4.62 -25.64
C TYR B 339 25.99 -5.34 -26.89
N ILE B 340 26.95 -6.24 -26.74
CA ILE B 340 27.49 -6.96 -27.90
C ILE B 340 27.56 -8.46 -27.64
N PHE B 341 27.72 -9.20 -28.72
CA PHE B 341 27.80 -10.65 -28.63
C PHE B 341 29.17 -11.12 -29.06
N THR B 342 29.76 -11.98 -28.25
CA THR B 342 31.10 -12.49 -28.54
C THR B 342 31.02 -13.58 -29.59
N LYS B 343 32.15 -13.91 -30.21
CA LYS B 343 32.19 -14.98 -31.19
C LYS B 343 31.83 -16.35 -30.61
N ASP B 344 32.09 -16.56 -29.33
CA ASP B 344 31.72 -17.82 -28.63
C ASP B 344 30.36 -17.77 -27.97
N GLY B 345 29.55 -16.77 -28.31
CA GLY B 345 28.13 -16.75 -27.99
C GLY B 345 27.79 -16.31 -26.59
N LYS B 346 28.60 -15.41 -26.03
CA LYS B 346 28.28 -14.78 -24.75
C LYS B 346 27.73 -13.38 -24.98
N LEU B 347 26.89 -12.94 -24.06
CA LEU B 347 26.48 -11.54 -23.98
C LEU B 347 27.60 -10.73 -23.28
N ARG B 348 28.12 -9.73 -23.98
CA ARG B 348 29.15 -8.86 -23.45
C ARG B 348 28.54 -7.49 -23.18
N LEU B 349 28.60 -7.07 -21.92
CA LEU B 349 28.13 -5.76 -21.50
C LEU B 349 29.31 -4.83 -21.23
N ILE B 350 29.30 -3.65 -21.84
CA ILE B 350 30.38 -2.67 -21.72
C ILE B 350 30.04 -1.71 -20.57
N ALA B 351 30.98 -1.52 -19.64
CA ALA B 351 30.73 -0.66 -18.47
C ALA B 351 30.53 0.80 -18.85
N THR B 352 29.65 1.47 -18.11
CA THR B 352 29.62 2.94 -18.03
C THR B 352 29.55 3.31 -16.55
N PRO B 353 29.83 4.58 -16.22
CA PRO B 353 29.71 5.01 -14.82
C PRO B 353 28.28 5.22 -14.31
N VAL B 354 27.28 4.98 -15.15
CA VAL B 354 25.89 5.12 -14.73
C VAL B 354 25.55 3.96 -13.80
N THR B 355 25.17 4.27 -12.56
CA THR B 355 24.76 3.23 -11.62
C THR B 355 23.29 2.88 -11.84
N LEU B 356 22.80 1.87 -11.11
CA LEU B 356 21.37 1.54 -11.13
C LEU B 356 20.51 2.52 -10.33
N SER B 357 21.13 3.51 -9.68
CA SER B 357 20.40 4.51 -8.89
C SER B 357 20.48 5.92 -9.47
N ASP B 358 20.93 6.06 -10.71
CA ASP B 358 21.13 7.39 -11.33
C ASP B 358 19.95 8.00 -12.11
N TRP B 359 18.87 7.25 -12.27
CA TRP B 359 17.67 7.70 -13.02
C TRP B 359 17.97 7.92 -14.51
N LYS B 360 18.96 7.20 -15.01
CA LYS B 360 19.37 7.25 -16.43
C LYS B 360 19.58 5.80 -16.88
N SER B 361 19.80 5.57 -18.18
CA SER B 361 19.97 4.19 -18.66
C SER B 361 21.36 3.66 -18.30
N PRO B 362 21.44 2.67 -17.38
CA PRO B 362 22.72 2.00 -17.18
C PRO B 362 22.93 0.93 -18.25
N THR B 363 24.13 0.35 -18.31
CA THR B 363 24.32 -0.89 -19.04
C THR B 363 23.60 -1.99 -18.26
N PHE B 364 22.40 -2.31 -18.72
CA PHE B 364 21.42 -3.12 -17.97
C PHE B 364 20.43 -3.71 -18.97
N VAL B 365 20.20 -5.02 -18.89
CA VAL B 365 19.16 -5.66 -19.70
C VAL B 365 18.56 -6.80 -18.88
N ALA B 366 17.22 -6.91 -18.90
CA ALA B 366 16.49 -7.69 -17.91
C ALA B 366 15.33 -8.51 -18.49
N LEU B 367 14.91 -9.50 -17.69
CA LEU B 367 13.72 -10.27 -17.90
C LEU B 367 12.77 -10.06 -16.73
N ARG B 368 11.48 -9.99 -17.00
CA ARG B 368 10.46 -9.83 -15.98
C ARG B 368 10.45 -11.07 -15.07
N GLN B 369 10.36 -10.87 -13.77
CA GLN B 369 10.07 -11.98 -12.87
C GLN B 369 8.62 -12.42 -13.05
N GLU B 370 8.39 -13.72 -13.29
CA GLU B 370 7.05 -14.19 -13.64
C GLU B 370 6.45 -15.22 -12.69
N HIS B 371 7.14 -15.49 -11.56
CA HIS B 371 6.71 -16.47 -10.57
C HIS B 371 7.14 -16.02 -9.19
N PHE B 372 6.35 -16.33 -8.16
CA PHE B 372 6.79 -16.07 -6.80
C PHE B 372 7.97 -16.94 -6.41
N ASP B 373 7.91 -18.22 -6.80
CA ASP B 373 8.96 -19.20 -6.51
C ASP B 373 9.76 -19.42 -7.79
N MET B 374 11.02 -18.97 -7.79
CA MET B 374 11.87 -19.10 -8.95
C MET B 374 13.34 -19.18 -8.55
N GLU B 375 14.18 -19.67 -9.47
CA GLU B 375 15.63 -19.51 -9.37
C GLU B 375 16.15 -19.00 -10.69
N ALA B 376 17.01 -17.99 -10.60
CA ALA B 376 17.69 -17.43 -11.73
C ALA B 376 19.18 -17.42 -11.49
N SER B 377 19.97 -17.60 -12.54
CA SER B 377 21.44 -17.56 -12.39
C SER B 377 22.15 -17.19 -13.68
N ALA B 378 23.35 -16.64 -13.51
CA ALA B 378 24.20 -16.35 -14.65
C ALA B 378 25.68 -16.40 -14.27
N PRO B 379 26.51 -17.01 -15.13
CA PRO B 379 27.95 -16.84 -14.92
C PRO B 379 28.36 -15.45 -15.39
N VAL B 380 29.41 -14.93 -14.77
CA VAL B 380 29.89 -13.56 -15.01
CA VAL B 380 29.89 -13.57 -15.01
C VAL B 380 31.41 -13.59 -15.06
N VAL B 381 31.99 -13.01 -16.13
CA VAL B 381 33.46 -12.87 -16.25
C VAL B 381 33.76 -11.39 -16.43
N LEU B 382 34.14 -10.74 -15.34
CA LEU B 382 34.48 -9.31 -15.35
C LEU B 382 35.91 -9.13 -15.81
N GLN B 383 36.11 -8.21 -16.75
CA GLN B 383 37.40 -8.05 -17.42
C GLN B 383 37.80 -6.59 -17.51
N LYS B 384 39.12 -6.36 -17.55
CA LYS B 384 39.68 -5.00 -17.73
C LYS B 384 39.11 -3.99 -16.73
N ALA B 385 38.99 -4.44 -15.47
CA ALA B 385 38.31 -3.67 -14.44
C ALA B 385 39.28 -2.85 -13.58
N GLY B 386 38.88 -1.62 -13.29
CA GLY B 386 39.48 -0.81 -12.26
C GLY B 386 38.81 -1.01 -10.92
N VAL B 387 39.40 -0.43 -9.88
CA VAL B 387 38.91 -0.61 -8.52
C VAL B 387 37.47 -0.10 -8.38
N ASN B 388 36.64 -0.96 -7.79
CA ASN B 388 35.20 -0.72 -7.56
C ASN B 388 34.28 -0.88 -8.78
N ASP B 389 34.84 -1.20 -9.96
CA ASP B 389 34.01 -1.64 -11.09
C ASP B 389 33.28 -2.92 -10.67
N GLU B 390 32.00 -3.07 -11.06
CA GLU B 390 31.24 -4.27 -10.68
C GLU B 390 30.29 -4.72 -11.77
N ALA B 391 29.96 -6.01 -11.75
CA ALA B 391 28.99 -6.57 -12.71
C ALA B 391 28.22 -7.69 -12.07
N GLY B 392 26.93 -7.80 -12.41
CA GLY B 392 26.14 -8.88 -11.82
C GLY B 392 24.67 -8.90 -12.22
N ILE B 393 23.85 -9.30 -11.23
CA ILE B 393 22.42 -9.42 -11.39
C ILE B 393 21.73 -8.48 -10.39
N SER B 394 20.74 -7.72 -10.85
CA SER B 394 19.94 -6.85 -9.98
C SER B 394 18.47 -7.28 -9.99
N VAL B 395 17.91 -7.39 -8.80
CA VAL B 395 16.46 -7.54 -8.59
C VAL B 395 15.94 -6.12 -8.48
N PHE B 396 15.29 -5.64 -9.54
CA PHE B 396 15.10 -4.21 -9.78
C PHE B 396 13.61 -3.84 -9.88
N MET B 397 13.18 -2.90 -9.02
CA MET B 397 11.84 -2.29 -9.15
C MET B 397 11.92 -0.85 -9.67
N GLU B 398 12.76 -0.05 -9.05
CA GLU B 398 12.90 1.36 -9.41
C GLU B 398 14.33 1.80 -9.07
N PHE B 399 14.74 2.97 -9.57
CA PHE B 399 16.08 3.48 -9.31
C PHE B 399 16.42 3.63 -7.83
N HIS B 400 15.39 3.82 -6.98
CA HIS B 400 15.61 3.89 -5.53
C HIS B 400 15.30 2.60 -4.78
N SER B 401 15.02 1.52 -5.51
CA SER B 401 14.53 0.25 -4.91
C SER B 401 15.03 -0.94 -5.70
N HIS B 402 16.19 -1.48 -5.31
CA HIS B 402 16.77 -2.63 -5.99
C HIS B 402 17.78 -3.34 -5.10
N TYR B 403 17.90 -4.65 -5.33
CA TYR B 403 18.86 -5.50 -4.62
C TYR B 403 19.89 -6.00 -5.64
N ASP B 404 21.16 -5.75 -5.37
CA ASP B 404 22.25 -6.01 -6.36
C ASP B 404 23.19 -7.09 -5.84
N LEU B 405 23.42 -8.12 -6.66
CA LEU B 405 24.39 -9.18 -6.38
C LEU B 405 25.45 -9.13 -7.47
N PHE B 406 26.73 -9.02 -7.09
CA PHE B 406 27.75 -8.69 -8.09
C PHE B 406 29.15 -9.20 -7.75
N VAL B 407 29.97 -9.26 -8.78
CA VAL B 407 31.43 -9.42 -8.62
CA VAL B 407 31.42 -9.41 -8.61
C VAL B 407 32.05 -8.02 -8.75
N ARG B 408 33.00 -7.72 -7.87
CA ARG B 408 33.63 -6.42 -7.82
C ARG B 408 35.14 -6.56 -7.85
N GLN B 409 35.79 -5.66 -8.58
CA GLN B 409 37.25 -5.52 -8.57
C GLN B 409 37.69 -4.70 -7.35
N ASP B 410 38.58 -5.27 -6.54
CA ASP B 410 39.14 -4.56 -5.37
C ASP B 410 40.58 -4.13 -5.63
N LYS B 411 41.15 -3.40 -4.66
CA LYS B 411 42.58 -3.03 -4.69
C LYS B 411 43.48 -4.26 -4.60
N ASP B 412 44.74 -4.09 -5.01
CA ASP B 412 45.75 -5.13 -4.89
C ASP B 412 45.43 -6.38 -5.73
N ARG B 413 44.77 -6.17 -6.88
CA ARG B 413 44.39 -7.27 -7.77
C ARG B 413 43.55 -8.37 -7.09
N LYS B 414 42.73 -7.99 -6.11
CA LYS B 414 41.77 -8.91 -5.47
C LYS B 414 40.36 -8.63 -5.97
N ARG B 415 39.50 -9.61 -5.79
CA ARG B 415 38.08 -9.49 -6.10
C ARG B 415 37.18 -10.05 -5.03
N SER B 416 35.92 -9.63 -5.07
CA SER B 416 34.95 -10.10 -4.10
C SER B 416 33.56 -10.21 -4.72
N VAL B 417 32.72 -11.00 -4.04
CA VAL B 417 31.29 -11.00 -4.34
C VAL B 417 30.64 -10.08 -3.31
N GLY B 418 29.77 -9.19 -3.78
CA GLY B 418 29.03 -8.29 -2.90
C GLY B 418 27.52 -8.41 -3.07
N LEU B 419 26.81 -8.01 -2.01
CA LEU B 419 25.35 -8.00 -1.98
C LEU B 419 24.93 -6.68 -1.33
N ARG B 420 24.23 -5.84 -2.11
CA ARG B 420 23.88 -4.45 -1.73
CA ARG B 420 23.89 -4.49 -1.71
C ARG B 420 22.40 -4.23 -1.91
N TYR B 421 21.74 -3.67 -0.88
CA TYR B 421 20.32 -3.32 -0.96
C TYR B 421 20.18 -1.80 -1.02
N LYS B 422 19.58 -1.30 -2.10
CA LYS B 422 19.27 0.12 -2.26
C LYS B 422 17.80 0.34 -1.95
N LEU B 423 17.52 1.07 -0.87
CA LEU B 423 16.15 1.42 -0.45
C LEU B 423 16.15 2.88 0.01
N GLY B 424 15.86 3.79 -0.91
CA GLY B 424 15.89 5.22 -0.61
C GLY B 424 17.26 5.66 -0.11
N GLU B 425 17.29 6.24 1.09
CA GLU B 425 18.51 6.74 1.71
C GLU B 425 19.40 5.63 2.25
N ILE B 426 18.94 4.37 2.26
CA ILE B 426 19.80 3.25 2.65
C ILE B 426 20.49 2.62 1.42
N THR B 427 21.82 2.52 1.50
CA THR B 427 22.55 1.55 0.66
CA THR B 427 22.61 1.62 0.65
C THR B 427 23.30 0.65 1.61
N HIS B 428 22.77 -0.56 1.74
CA HIS B 428 23.23 -1.51 2.77
C HIS B 428 24.04 -2.62 2.13
N TYR B 429 25.30 -2.75 2.55
CA TYR B 429 26.11 -3.88 2.12
C TYR B 429 25.88 -5.03 3.08
N ALA B 430 25.13 -6.02 2.61
CA ALA B 430 24.80 -7.20 3.42
C ALA B 430 25.96 -8.17 3.52
N LYS B 431 26.71 -8.30 2.42
CA LYS B 431 27.84 -9.22 2.33
C LYS B 431 28.92 -8.69 1.41
N GLU B 432 30.15 -9.01 1.79
CA GLU B 432 31.34 -8.76 0.96
C GLU B 432 32.28 -9.93 1.23
N VAL B 433 32.43 -10.80 0.24
CA VAL B 433 33.17 -12.07 0.40
C VAL B 433 34.32 -12.17 -0.60
N SER B 434 35.51 -12.44 -0.06
CA SER B 434 36.71 -12.58 -0.89
C SER B 434 36.60 -13.77 -1.85
N LEU B 435 36.97 -13.54 -3.11
CA LEU B 435 37.03 -14.60 -4.12
C LEU B 435 38.46 -15.10 -4.35
N PRO B 436 38.62 -16.40 -4.70
CA PRO B 436 39.95 -16.89 -5.04
C PRO B 436 40.41 -16.33 -6.38
N THR B 437 41.74 -16.28 -6.54
CA THR B 437 42.38 -15.92 -7.79
C THR B 437 41.93 -16.92 -8.85
N ASP B 438 41.42 -16.41 -9.97
CA ASP B 438 41.02 -17.22 -11.12
C ASP B 438 39.71 -18.03 -10.98
N GLY B 439 38.97 -17.83 -9.90
CA GLY B 439 37.69 -18.54 -9.72
C GLY B 439 36.67 -18.18 -10.81
N GLU B 440 35.98 -19.19 -11.31
CA GLU B 440 34.87 -19.01 -12.26
C GLU B 440 33.58 -18.84 -11.42
N VAL B 441 32.89 -17.71 -11.57
CA VAL B 441 31.74 -17.35 -10.72
C VAL B 441 30.39 -17.41 -11.44
N GLU B 442 29.41 -18.04 -10.78
CA GLU B 442 28.00 -17.99 -11.18
C GLU B 442 27.19 -17.37 -10.04
N LEU B 443 26.43 -16.31 -10.37
CA LEU B 443 25.60 -15.60 -9.38
C LEU B 443 24.19 -16.17 -9.40
N VAL B 444 23.60 -16.37 -8.22
CA VAL B 444 22.31 -17.05 -8.05
C VAL B 444 21.32 -16.22 -7.21
N VAL B 445 20.11 -16.06 -7.73
CA VAL B 445 19.01 -15.38 -7.03
C VAL B 445 17.83 -16.31 -7.07
N LYS B 446 17.32 -16.63 -5.88
CA LYS B 446 16.10 -17.41 -5.74
C LYS B 446 15.06 -16.58 -5.02
N SER B 447 13.81 -17.04 -5.09
CA SER B 447 12.76 -16.38 -4.31
C SER B 447 11.65 -17.32 -3.92
N ASP B 448 10.99 -16.93 -2.83
CA ASP B 448 9.64 -17.36 -2.52
C ASP B 448 8.81 -16.12 -2.25
N ILE B 449 7.56 -16.30 -1.82
CA ILE B 449 6.69 -15.14 -1.62
C ILE B 449 7.21 -14.17 -0.53
N ASN B 450 8.00 -14.70 0.40
CA ASN B 450 8.49 -13.91 1.54
C ASN B 450 9.85 -13.25 1.37
N TYR B 451 10.79 -13.96 0.73
CA TYR B 451 12.18 -13.51 0.60
C TYR B 451 12.80 -13.76 -0.76
N TYR B 452 13.73 -12.88 -1.11
CA TYR B 452 14.76 -13.18 -2.09
C TYR B 452 15.92 -13.83 -1.35
N TYR B 453 16.53 -14.85 -1.96
CA TYR B 453 17.71 -15.53 -1.44
C TYR B 453 18.85 -15.38 -2.44
N PHE B 454 20.03 -15.03 -1.94
CA PHE B 454 21.18 -14.76 -2.79
C PHE B 454 22.30 -15.77 -2.51
N GLY B 455 23.02 -16.15 -3.55
CA GLY B 455 24.19 -17.00 -3.41
C GLY B 455 25.09 -16.94 -4.62
N TYR B 456 26.15 -17.72 -4.57
CA TYR B 456 27.08 -17.82 -5.69
C TYR B 456 27.79 -19.14 -5.72
N LYS B 457 28.21 -19.56 -6.90
CA LYS B 457 29.08 -20.73 -7.05
C LYS B 457 30.42 -20.26 -7.56
N VAL B 458 31.49 -20.80 -6.97
CA VAL B 458 32.84 -20.55 -7.45
C VAL B 458 33.52 -21.90 -7.55
N ASN B 459 34.12 -22.15 -8.73
CA ASN B 459 34.73 -23.43 -9.03
C ASN B 459 33.84 -24.59 -8.59
N GLY B 460 32.56 -24.52 -8.97
CA GLY B 460 31.60 -25.56 -8.69
C GLY B 460 31.12 -25.74 -7.25
N ILE B 461 31.43 -24.81 -6.35
CA ILE B 461 30.95 -24.91 -4.98
C ILE B 461 29.99 -23.76 -4.69
N TYR B 462 28.77 -24.11 -4.26
CA TYR B 462 27.73 -23.12 -3.95
C TYR B 462 27.79 -22.64 -2.52
N HIS B 463 27.61 -21.32 -2.35
CA HIS B 463 27.55 -20.67 -1.05
C HIS B 463 26.32 -19.79 -0.99
N ASP B 464 25.56 -19.92 0.12
CA ASP B 464 24.45 -19.00 0.41
C ASP B 464 24.98 -17.72 1.05
N LEU B 465 24.45 -16.59 0.61
CA LEU B 465 24.85 -15.25 1.09
C LEU B 465 23.82 -14.58 2.00
N GLY B 466 22.62 -15.12 2.11
CA GLY B 466 21.57 -14.52 2.95
C GLY B 466 20.33 -14.15 2.15
N LYS B 467 19.41 -13.47 2.82
CA LYS B 467 18.06 -13.27 2.30
C LYS B 467 17.54 -11.89 2.64
N MET B 468 16.56 -11.43 1.86
CA MET B 468 15.96 -10.12 2.06
C MET B 468 14.46 -10.11 1.71
N ASN B 469 13.69 -9.38 2.49
CA ASN B 469 12.23 -9.34 2.35
C ASN B 469 11.78 -8.88 0.95
N THR B 470 10.81 -9.58 0.39
CA THR B 470 10.23 -9.17 -0.89
C THR B 470 9.47 -7.82 -0.85
N ARG B 471 8.90 -7.49 0.31
CA ARG B 471 7.91 -6.38 0.38
CA ARG B 471 7.92 -6.38 0.36
C ARG B 471 8.51 -5.01 0.05
N TYR B 472 9.81 -4.82 0.29
CA TYR B 472 10.41 -3.50 0.06
C TYR B 472 10.58 -3.16 -1.41
N LEU B 473 10.41 -4.16 -2.29
CA LEU B 473 10.40 -3.94 -3.75
C LEU B 473 9.00 -3.97 -4.37
N SER B 474 7.96 -3.99 -3.54
CA SER B 474 6.59 -4.04 -4.04
C SER B 474 6.17 -2.67 -4.61
N THR B 475 5.13 -2.70 -5.44
CA THR B 475 4.52 -1.45 -5.92
C THR B 475 3.98 -0.61 -4.75
N GLU B 476 3.44 -1.28 -3.73
CA GLU B 476 2.87 -0.59 -2.58
C GLU B 476 3.94 0.18 -1.82
N THR B 477 5.12 -0.43 -1.67
CA THR B 477 6.21 0.24 -0.98
C THR B 477 6.92 1.27 -1.86
N ALA B 478 7.32 0.84 -3.05
CA ALA B 478 8.19 1.61 -3.93
C ALA B 478 7.49 2.60 -4.84
N GLY B 479 6.17 2.42 -5.05
CA GLY B 479 5.40 3.24 -5.99
C GLY B 479 5.43 2.71 -7.42
N GLY B 480 4.72 3.39 -8.30
CA GLY B 480 4.77 3.11 -9.72
C GLY B 480 3.78 2.11 -10.26
N PHE B 481 3.99 1.74 -11.52
CA PHE B 481 3.03 0.96 -12.30
C PHE B 481 3.60 -0.35 -12.87
N THR B 482 4.71 -0.82 -12.31
CA THR B 482 5.49 -1.89 -12.90
C THR B 482 5.66 -3.07 -11.95
N GLY B 483 6.46 -4.04 -12.36
CA GLY B 483 6.81 -5.21 -11.54
C GLY B 483 8.32 -5.38 -11.51
N VAL B 484 8.79 -6.30 -10.67
CA VAL B 484 10.21 -6.62 -10.58
C VAL B 484 10.74 -7.26 -11.87
N VAL B 485 11.92 -6.78 -12.26
CA VAL B 485 12.70 -7.36 -13.34
C VAL B 485 14.04 -7.85 -12.79
N LEU B 486 14.61 -8.84 -13.47
CA LEU B 486 15.91 -9.44 -13.11
C LEU B 486 16.89 -9.05 -14.20
N GLY B 487 17.80 -8.13 -13.86
CA GLY B 487 18.70 -7.49 -14.85
C GLY B 487 20.17 -7.88 -14.74
N LEU B 488 20.79 -8.16 -15.87
CA LEU B 488 22.24 -8.26 -15.98
C LEU B 488 22.78 -6.85 -16.20
N TYR B 489 23.83 -6.50 -15.48
CA TYR B 489 24.34 -5.13 -15.50
C TYR B 489 25.83 -5.04 -15.24
N ILE B 490 26.39 -3.90 -15.60
CA ILE B 490 27.77 -3.57 -15.26
C ILE B 490 27.90 -2.05 -15.07
N THR B 491 28.62 -1.64 -14.04
CA THR B 491 28.86 -0.22 -13.72
C THR B 491 30.35 -0.03 -13.39
N SER B 492 30.98 0.97 -13.99
CA SER B 492 32.37 1.31 -13.64
C SER B 492 32.36 2.42 -12.61
N ALA B 493 33.45 2.48 -11.82
CA ALA B 493 33.63 3.52 -10.80
C ALA B 493 34.41 4.74 -11.31
N SER B 494 34.75 4.77 -12.60
CA SER B 494 35.50 5.88 -13.19
C SER B 494 35.13 6.07 -14.65
N LYS B 495 35.15 7.32 -15.12
CA LYS B 495 34.92 7.65 -16.53
C LYS B 495 35.89 6.95 -17.48
N ASP B 496 37.13 6.75 -17.04
CA ASP B 496 38.19 6.18 -17.89
C ASP B 496 38.27 4.65 -17.92
N SER B 497 37.39 3.97 -17.18
CA SER B 497 37.41 2.50 -17.16
C SER B 497 37.09 1.91 -18.52
N LYS B 498 37.77 0.81 -18.85
CA LYS B 498 37.49 0.03 -20.07
C LYS B 498 36.82 -1.30 -19.74
N ALA B 499 36.21 -1.42 -18.56
CA ALA B 499 35.69 -2.70 -18.11
C ALA B 499 34.53 -3.22 -18.97
N TYR B 500 34.45 -4.54 -19.05
CA TYR B 500 33.31 -5.22 -19.64
C TYR B 500 33.11 -6.53 -18.92
N ALA B 501 31.94 -7.12 -19.09
CA ALA B 501 31.66 -8.41 -18.47
C ALA B 501 30.90 -9.30 -19.45
N ASP B 502 31.28 -10.57 -19.45
CA ASP B 502 30.70 -11.61 -20.30
C ASP B 502 29.80 -12.54 -19.50
N PHE B 503 28.58 -12.76 -20.01
CA PHE B 503 27.57 -13.60 -19.38
C PHE B 503 27.25 -14.72 -20.38
N GLU B 504 27.60 -15.96 -20.02
CA GLU B 504 27.48 -17.07 -20.97
C GLU B 504 26.04 -17.53 -21.22
N TYR B 505 25.20 -17.42 -20.19
CA TYR B 505 23.79 -17.76 -20.29
C TYR B 505 23.03 -17.08 -19.16
N PHE B 506 21.70 -17.15 -19.23
CA PHE B 506 20.82 -16.73 -18.15
C PHE B 506 19.86 -17.88 -17.92
N LYS B 507 19.93 -18.45 -16.74
CA LYS B 507 19.01 -19.52 -16.33
C LYS B 507 17.82 -18.92 -15.55
N TYR B 508 16.60 -19.34 -15.90
CA TYR B 508 15.39 -18.96 -15.15
C TYR B 508 14.43 -20.14 -15.13
N LYS B 509 14.03 -20.56 -13.94
CA LYS B 509 13.05 -21.63 -13.79
C LYS B 509 12.06 -21.22 -12.72
N GLY B 510 10.78 -21.16 -13.11
CA GLY B 510 9.70 -20.88 -12.16
C GLY B 510 9.01 -22.14 -11.70
N LYS B 511 8.50 -22.15 -10.46
CA LYS B 511 7.63 -23.23 -9.99
C LYS B 511 6.18 -22.83 -10.35
N PRO B 512 5.41 -23.74 -10.97
CA PRO B 512 4.06 -23.38 -11.47
C PRO B 512 3.05 -23.03 -10.38
#